data_2ZHR
#
_entry.id   2ZHR
#
_cell.length_a   86.333
_cell.length_b   89.912
_cell.length_c   130.794
_cell.angle_alpha   90.00
_cell.angle_beta   90.00
_cell.angle_gamma   90.00
#
_symmetry.space_group_name_H-M   'P 21 21 21'
#
loop_
_entity.id
_entity.type
_entity.pdbx_description
1 polymer 'Beta-secretase 1'
2 polymer 'inhibitor OM99-2'
3 water water
#
loop_
_entity_poly.entity_id
_entity_poly.type
_entity_poly.pdbx_seq_one_letter_code
_entity_poly.pdbx_strand_id
1 'polypeptide(L)'
;MRETDEEPEEPGRRGSFVEMVDNLRGKSGQGYYVEMTVGSPPQTLNILVDTGSSNFAVGAAPHPFLHRYYQRQLSSTYRD
LRKGVYVPYTQGKWEGELGTDLVSIPHGPNVTVRANIAAITESDKFFINGSNWEGILGLAYAEIARPDDSLEPFFDSLVK
QTHVPNLFSLQLCGAGFPLNQSEVLASVGGSMIIGGIDHSLYTGSLWYTPIRREWYYEVIIVRVEINGQDLKMDCKEYNY
DKSIVDSGTTNLRLPKKVFEAAVKSIKAASSTEKFPDGFWLGEQLVCWQAGTTPWNIFPVISLYLMGEVTNQSFRITILP
QQYLRPVEDVATSQDDCYKFAISQSSTGTVMGAVIMEGFYVVFDRARKRIGFAVSACHVHDEFRTAAVEGPFVTLDMEDC
GYNIPQTDEST
;
A,B
2 'polypeptide(L)' EVN(1OL)AEF C,D
#
loop_
_chem_comp.id
_chem_comp.type
_chem_comp.name
_chem_comp.formula
1OL peptide-like '(2R,4S,5S)-5-amino-4-hydroxy-2,7-dimethyloctanoic acid' 'C10 H21 N O3'
#
# COMPACT_ATOMS: atom_id res chain seq x y z
N ARG A 14 42.82 -18.37 -15.81
CA ARG A 14 43.45 -18.39 -14.45
C ARG A 14 42.90 -17.25 -13.59
N GLY A 15 43.62 -16.91 -12.53
CA GLY A 15 43.21 -15.84 -11.64
C GLY A 15 43.77 -14.51 -12.09
N SER A 16 43.37 -14.10 -13.27
CA SER A 16 43.80 -12.85 -13.87
C SER A 16 43.63 -11.63 -12.97
N PHE A 17 42.44 -11.44 -12.42
CA PHE A 17 42.16 -10.27 -11.57
C PHE A 17 41.65 -10.65 -10.19
N VAL A 18 42.57 -11.11 -9.34
CA VAL A 18 42.26 -11.54 -7.98
C VAL A 18 41.67 -10.47 -7.06
N GLU A 19 42.14 -9.23 -7.19
CA GLU A 19 41.64 -8.17 -6.33
C GLU A 19 40.17 -7.82 -6.58
N MET A 20 39.64 -8.22 -7.73
CA MET A 20 38.25 -7.91 -8.06
C MET A 20 37.30 -9.12 -7.98
N VAL A 21 37.86 -10.33 -7.92
CA VAL A 21 37.03 -11.52 -7.83
C VAL A 21 36.29 -11.49 -6.48
N ASP A 22 35.02 -11.84 -6.50
CA ASP A 22 34.16 -11.86 -5.30
C ASP A 22 33.88 -10.49 -4.71
N ASN A 23 33.79 -9.46 -5.54
CA ASN A 23 33.55 -8.12 -5.01
C ASN A 23 32.07 -7.71 -4.96
N LEU A 24 31.19 -8.65 -5.26
CA LEU A 24 29.75 -8.36 -5.24
C LEU A 24 28.98 -9.10 -4.16
N ARG A 25 27.82 -8.57 -3.82
CA ARG A 25 26.95 -9.17 -2.81
C ARG A 25 25.50 -8.93 -3.24
N GLY A 26 24.59 -9.76 -2.71
CA GLY A 26 23.18 -9.62 -3.04
C GLY A 26 22.59 -10.80 -3.78
N LYS A 27 21.43 -10.60 -4.39
CA LYS A 27 20.78 -11.66 -5.15
C LYS A 27 19.80 -11.14 -6.18
N SER A 28 19.37 -12.03 -7.08
CA SER A 28 18.45 -11.68 -8.15
C SER A 28 17.25 -10.85 -7.72
N GLY A 29 16.66 -11.21 -6.58
CA GLY A 29 15.49 -10.51 -6.09
C GLY A 29 15.70 -9.07 -5.64
N GLN A 30 16.85 -8.77 -5.04
CA GLN A 30 17.11 -7.41 -4.57
C GLN A 30 18.23 -6.70 -5.31
N GLY A 31 18.99 -7.44 -6.11
CA GLY A 31 20.07 -6.85 -6.87
C GLY A 31 21.45 -7.14 -6.33
N TYR A 32 22.46 -7.05 -7.20
CA TYR A 32 23.84 -7.29 -6.81
C TYR A 32 24.53 -5.94 -6.74
N TYR A 33 25.32 -5.73 -5.69
CA TYR A 33 26.00 -4.46 -5.52
C TYR A 33 27.49 -4.57 -5.23
N VAL A 34 28.22 -3.52 -5.56
CA VAL A 34 29.65 -3.48 -5.32
C VAL A 34 29.92 -2.32 -4.38
N GLU A 35 31.05 -2.39 -3.67
CA GLU A 35 31.41 -1.33 -2.74
C GLU A 35 32.13 -0.21 -3.46
N MET A 36 31.71 1.03 -3.18
CA MET A 36 32.34 2.19 -3.79
C MET A 36 32.54 3.29 -2.77
N THR A 37 33.43 4.23 -3.09
CA THR A 37 33.67 5.35 -2.20
C THR A 37 33.57 6.62 -3.03
N VAL A 38 32.90 7.62 -2.49
CA VAL A 38 32.75 8.89 -3.17
C VAL A 38 33.15 10.02 -2.22
N GLY A 39 33.80 11.04 -2.77
CA GLY A 39 34.20 12.17 -1.96
C GLY A 39 35.55 12.09 -1.26
N SER A 40 35.93 13.21 -0.65
CA SER A 40 37.18 13.34 0.08
C SER A 40 36.85 14.02 1.41
N PRO A 41 37.04 13.31 2.53
CA PRO A 41 37.54 11.94 2.65
C PRO A 41 36.56 10.96 2.01
N PRO A 42 37.04 9.78 1.60
CA PRO A 42 36.16 8.79 0.97
C PRO A 42 34.99 8.34 1.83
N GLN A 43 33.80 8.36 1.23
CA GLN A 43 32.57 7.93 1.89
C GLN A 43 32.17 6.59 1.26
N THR A 44 32.15 5.54 2.07
CA THR A 44 31.79 4.21 1.58
C THR A 44 30.30 4.03 1.36
N LEU A 45 29.95 3.44 0.23
CA LEU A 45 28.55 3.20 -0.15
C LEU A 45 28.42 1.94 -1.00
N ASN A 46 27.33 1.20 -0.80
CA ASN A 46 27.09 0.00 -1.59
C ASN A 46 26.27 0.40 -2.82
N ILE A 47 26.82 0.13 -3.99
CA ILE A 47 26.19 0.51 -5.24
C ILE A 47 25.69 -0.64 -6.11
N LEU A 48 24.40 -0.61 -6.41
CA LEU A 48 23.76 -1.63 -7.23
C LEU A 48 24.36 -1.56 -8.63
N VAL A 49 24.78 -2.70 -9.16
CA VAL A 49 25.34 -2.77 -10.50
C VAL A 49 24.17 -2.95 -11.47
N ASP A 50 23.94 -1.93 -12.31
CA ASP A 50 22.82 -1.95 -13.25
C ASP A 50 23.20 -1.64 -14.71
N THR A 51 23.27 -2.67 -15.54
CA THR A 51 23.60 -2.49 -16.95
C THR A 51 22.39 -2.04 -17.75
N GLY A 52 21.26 -1.87 -17.07
CA GLY A 52 20.04 -1.44 -17.74
C GLY A 52 19.81 0.06 -17.72
N SER A 53 20.77 0.81 -17.20
CA SER A 53 20.66 2.26 -17.14
C SER A 53 22.03 2.92 -17.30
N SER A 54 22.06 4.24 -17.37
CA SER A 54 23.31 4.94 -17.56
C SER A 54 23.60 6.04 -16.56
N ASN A 55 22.85 6.09 -15.47
CA ASN A 55 23.11 7.12 -14.47
C ASN A 55 23.69 6.61 -13.16
N PHE A 56 24.68 7.35 -12.66
CA PHE A 56 25.31 7.00 -11.38
C PHE A 56 24.63 7.93 -10.36
N ALA A 57 23.86 7.33 -9.46
CA ALA A 57 23.15 8.09 -8.45
C ALA A 57 23.20 7.41 -7.09
N VAL A 58 23.16 8.23 -6.05
CA VAL A 58 23.21 7.71 -4.68
C VAL A 58 22.29 8.48 -3.75
N GLY A 59 21.78 7.79 -2.73
CA GLY A 59 20.93 8.44 -1.76
C GLY A 59 21.74 9.55 -1.12
N ALA A 60 21.17 10.74 -1.03
CA ALA A 60 21.88 11.87 -0.43
C ALA A 60 21.16 12.44 0.79
N ALA A 61 20.12 11.74 1.23
CA ALA A 61 19.35 12.19 2.39
C ALA A 61 18.77 11.00 3.14
N PRO A 62 18.61 11.12 4.45
CA PRO A 62 18.06 10.05 5.31
C PRO A 62 16.84 9.39 4.71
N HIS A 63 16.85 8.06 4.69
CA HIS A 63 15.74 7.29 4.15
C HIS A 63 15.56 6.06 5.02
N PRO A 64 14.31 5.71 5.33
CA PRO A 64 14.01 4.55 6.17
C PRO A 64 14.66 3.22 5.72
N PHE A 65 14.99 3.12 4.44
CA PHE A 65 15.63 1.90 3.93
C PHE A 65 17.13 2.04 3.76
N LEU A 66 17.68 3.20 4.14
CA LEU A 66 19.10 3.42 3.99
C LEU A 66 19.81 3.58 5.32
N HIS A 67 20.88 2.82 5.50
CA HIS A 67 21.66 2.87 6.72
C HIS A 67 22.65 4.02 6.62
N ARG A 68 23.01 4.39 5.39
CA ARG A 68 23.94 5.48 5.14
C ARG A 68 23.63 6.14 3.81
N TYR A 69 24.29 7.28 3.55
CA TYR A 69 24.07 8.02 2.32
C TYR A 69 25.16 9.06 2.07
N TYR A 70 25.22 9.52 0.83
CA TYR A 70 26.19 10.50 0.38
C TYR A 70 25.94 11.85 1.04
N GLN A 71 27.01 12.46 1.56
CA GLN A 71 26.94 13.75 2.22
C GLN A 71 27.88 14.75 1.56
N ARG A 72 27.37 15.41 0.52
CA ARG A 72 28.12 16.40 -0.23
C ARG A 72 28.82 17.47 0.60
N GLN A 73 28.15 17.98 1.62
CA GLN A 73 28.73 19.03 2.45
C GLN A 73 29.92 18.55 3.29
N LEU A 74 30.30 17.29 3.13
CA LEU A 74 31.44 16.75 3.87
C LEU A 74 32.58 16.38 2.90
N SER A 75 32.33 16.56 1.61
CA SER A 75 33.31 16.23 0.59
C SER A 75 33.98 17.49 0.07
N SER A 76 35.27 17.63 0.36
CA SER A 76 36.02 18.80 -0.08
C SER A 76 36.16 18.88 -1.61
N THR A 77 36.01 17.75 -2.29
CA THR A 77 36.14 17.68 -3.73
C THR A 77 34.81 17.68 -4.48
N TYR A 78 33.72 17.88 -3.74
CA TYR A 78 32.40 17.92 -4.35
C TYR A 78 32.23 19.14 -5.25
N ARG A 79 31.53 18.96 -6.36
CA ARG A 79 31.27 20.04 -7.30
C ARG A 79 29.80 20.08 -7.69
N ASP A 80 29.16 21.22 -7.44
CA ASP A 80 27.74 21.41 -7.75
C ASP A 80 27.55 21.81 -9.21
N LEU A 81 26.70 21.08 -9.91
CA LEU A 81 26.42 21.38 -11.32
C LEU A 81 25.15 22.20 -11.48
N ARG A 82 24.54 22.58 -10.36
CA ARG A 82 23.31 23.37 -10.37
C ARG A 82 22.27 22.89 -11.37
N LYS A 83 22.02 21.59 -11.42
CA LYS A 83 21.04 21.06 -12.36
C LYS A 83 20.28 19.88 -11.78
N GLY A 84 18.97 19.88 -11.98
CA GLY A 84 18.15 18.80 -11.47
C GLY A 84 18.13 17.65 -12.46
N VAL A 85 17.71 16.47 -11.99
CA VAL A 85 17.63 15.30 -12.85
C VAL A 85 16.58 14.34 -12.34
N TYR A 86 15.84 13.75 -13.26
CA TYR A 86 14.79 12.78 -12.94
C TYR A 86 15.04 11.49 -13.71
N VAL A 87 14.99 10.36 -13.02
CA VAL A 87 15.20 9.10 -13.71
C VAL A 87 14.20 8.04 -13.32
N PRO A 88 13.34 7.66 -14.27
CA PRO A 88 12.30 6.64 -14.06
C PRO A 88 12.74 5.30 -14.66
N TYR A 89 12.46 4.20 -13.97
CA TYR A 89 12.82 2.89 -14.48
C TYR A 89 11.55 2.09 -14.73
N THR A 90 11.69 0.87 -15.23
CA THR A 90 10.53 0.03 -15.48
C THR A 90 9.72 -0.03 -14.19
N GLN A 91 10.44 -0.07 -13.08
CA GLN A 91 9.81 -0.09 -11.77
C GLN A 91 10.63 0.75 -10.80
N GLY A 92 10.07 1.89 -10.41
CA GLY A 92 10.76 2.76 -9.49
C GLY A 92 11.28 4.00 -10.18
N LYS A 93 11.52 5.04 -9.39
CA LYS A 93 12.04 6.30 -9.93
C LYS A 93 12.58 7.21 -8.83
N TRP A 94 13.38 8.19 -9.22
CA TRP A 94 13.94 9.14 -8.26
C TRP A 94 14.28 10.47 -8.90
N GLU A 95 14.41 11.47 -8.05
CA GLU A 95 14.74 12.83 -8.47
C GLU A 95 15.96 13.22 -7.63
N GLY A 96 16.85 14.02 -8.20
CA GLY A 96 18.02 14.42 -7.45
C GLY A 96 18.76 15.57 -8.07
N GLU A 97 19.89 15.92 -7.46
CA GLU A 97 20.70 17.03 -7.92
C GLU A 97 22.04 16.53 -8.49
N LEU A 98 22.41 17.06 -9.66
CA LEU A 98 23.64 16.69 -10.33
C LEU A 98 24.88 17.38 -9.80
N GLY A 99 25.99 16.66 -9.83
CA GLY A 99 27.26 17.17 -9.36
C GLY A 99 28.35 16.17 -9.71
N THR A 100 29.60 16.51 -9.42
CA THR A 100 30.70 15.59 -9.69
C THR A 100 31.54 15.47 -8.43
N ASP A 101 32.33 14.41 -8.35
CA ASP A 101 33.17 14.19 -7.20
C ASP A 101 34.15 13.07 -7.52
N LEU A 102 35.14 12.87 -6.66
CA LEU A 102 36.10 11.82 -6.88
C LEU A 102 35.47 10.50 -6.45
N VAL A 103 35.67 9.48 -7.26
CA VAL A 103 35.10 8.17 -6.99
C VAL A 103 36.16 7.07 -7.08
N SER A 104 35.96 6.00 -6.32
CA SER A 104 36.88 4.88 -6.31
C SER A 104 36.14 3.58 -6.03
N ILE A 105 36.76 2.46 -6.39
CA ILE A 105 36.19 1.15 -6.16
C ILE A 105 37.21 0.32 -5.40
N PRO A 106 37.06 0.27 -4.06
CA PRO A 106 37.96 -0.48 -3.20
C PRO A 106 38.45 -1.78 -3.81
N HIS A 107 37.52 -2.65 -4.18
CA HIS A 107 37.88 -3.92 -4.79
C HIS A 107 37.73 -3.84 -6.31
N GLY A 108 38.60 -3.05 -6.91
CA GLY A 108 38.60 -2.86 -8.36
C GLY A 108 39.93 -2.29 -8.78
N PRO A 109 40.03 -1.66 -9.97
CA PRO A 109 41.31 -1.09 -10.39
C PRO A 109 41.78 -0.03 -9.38
N ASN A 110 43.09 0.13 -9.24
CA ASN A 110 43.62 1.11 -8.29
C ASN A 110 43.71 2.49 -8.93
N VAL A 111 42.56 3.14 -9.06
CA VAL A 111 42.49 4.47 -9.64
C VAL A 111 41.34 5.25 -9.03
N THR A 112 41.36 6.56 -9.23
CA THR A 112 40.32 7.43 -8.71
C THR A 112 39.96 8.35 -9.86
N VAL A 113 38.67 8.51 -10.10
CA VAL A 113 38.24 9.36 -11.19
C VAL A 113 37.13 10.31 -10.77
N ARG A 114 37.02 11.44 -11.46
CA ARG A 114 35.95 12.39 -11.15
C ARG A 114 34.81 12.00 -12.07
N ALA A 115 33.66 11.71 -11.48
CA ALA A 115 32.51 11.29 -12.26
C ALA A 115 31.26 12.05 -11.91
N ASN A 116 30.30 12.04 -12.82
CA ASN A 116 29.03 12.69 -12.56
C ASN A 116 28.33 11.84 -11.52
N ILE A 117 27.68 12.49 -10.57
CA ILE A 117 26.96 11.81 -9.51
C ILE A 117 25.64 12.51 -9.27
N ALA A 118 24.56 11.74 -9.28
CA ALA A 118 23.25 12.29 -9.02
C ALA A 118 22.96 12.04 -7.55
N ALA A 119 22.75 13.11 -6.79
CA ALA A 119 22.46 12.98 -5.38
C ALA A 119 20.95 12.88 -5.23
N ILE A 120 20.47 11.66 -4.99
CA ILE A 120 19.04 11.42 -4.87
C ILE A 120 18.42 12.07 -3.64
N THR A 121 17.52 13.02 -3.90
CA THR A 121 16.83 13.77 -2.85
C THR A 121 15.37 13.33 -2.69
N GLU A 122 14.83 12.66 -3.70
CA GLU A 122 13.46 12.18 -3.68
C GLU A 122 13.40 10.84 -4.44
N SER A 123 12.56 9.92 -3.98
CA SER A 123 12.45 8.63 -4.63
C SER A 123 11.16 7.88 -4.28
N ASP A 124 10.71 7.03 -5.19
CA ASP A 124 9.51 6.24 -4.98
C ASP A 124 9.71 4.82 -5.52
N LYS A 125 9.60 3.84 -4.62
CA LYS A 125 9.75 2.43 -4.98
C LYS A 125 11.10 2.13 -5.64
N PHE A 126 12.12 2.88 -5.25
CA PHE A 126 13.44 2.68 -5.82
C PHE A 126 14.29 1.85 -4.86
N PHE A 127 14.53 2.37 -3.66
CA PHE A 127 15.32 1.65 -2.67
C PHE A 127 14.56 0.42 -2.17
N ILE A 128 15.29 -0.64 -1.86
CA ILE A 128 14.69 -1.88 -1.38
C ILE A 128 15.12 -2.11 0.06
N ASN A 129 14.14 -2.29 0.94
CA ASN A 129 14.43 -2.53 2.34
C ASN A 129 15.18 -3.86 2.50
N GLY A 130 16.35 -3.80 3.12
CA GLY A 130 17.14 -5.00 3.32
C GLY A 130 18.10 -5.35 2.20
N SER A 131 18.05 -4.62 1.08
CA SER A 131 18.93 -4.89 -0.05
C SER A 131 20.39 -4.57 0.28
N ASN A 132 20.56 -3.62 1.19
CA ASN A 132 21.87 -3.18 1.64
C ASN A 132 22.63 -2.27 0.66
N TRP A 133 21.97 -1.82 -0.41
CA TRP A 133 22.63 -0.90 -1.33
C TRP A 133 21.96 0.48 -1.23
N GLU A 134 22.76 1.54 -1.36
CA GLU A 134 22.23 2.91 -1.24
C GLU A 134 22.33 3.76 -2.50
N GLY A 135 22.83 3.17 -3.58
CA GLY A 135 22.94 3.91 -4.82
C GLY A 135 22.91 2.96 -6.00
N ILE A 136 23.10 3.49 -7.20
CA ILE A 136 23.07 2.66 -8.41
C ILE A 136 24.14 3.07 -9.40
N LEU A 137 24.72 2.08 -10.08
CA LEU A 137 25.75 2.31 -11.07
C LEU A 137 25.24 1.92 -12.46
N GLY A 138 24.79 2.92 -13.21
CA GLY A 138 24.29 2.66 -14.56
C GLY A 138 25.47 2.43 -15.47
N LEU A 139 25.66 1.19 -15.91
CA LEU A 139 26.79 0.87 -16.77
C LEU A 139 26.51 0.95 -18.27
N ALA A 140 25.30 1.35 -18.64
CA ALA A 140 24.95 1.45 -20.06
C ALA A 140 25.52 2.73 -20.68
N TYR A 141 25.14 3.01 -21.93
CA TYR A 141 25.65 4.16 -22.67
C TYR A 141 24.92 5.51 -22.49
N ALA A 142 25.63 6.58 -22.82
CA ALA A 142 25.10 7.95 -22.70
C ALA A 142 23.74 8.16 -23.35
N GLU A 143 23.52 7.51 -24.49
CA GLU A 143 22.28 7.60 -25.24
C GLU A 143 21.01 7.67 -24.38
N ILE A 144 20.95 6.83 -23.34
CA ILE A 144 19.79 6.78 -22.46
C ILE A 144 20.03 7.42 -21.10
N ALA A 145 21.01 8.31 -21.04
CA ALA A 145 21.32 9.00 -19.79
C ALA A 145 20.39 10.20 -19.57
N ARG A 146 20.10 10.49 -18.31
CA ARG A 146 19.25 11.62 -17.96
C ARG A 146 20.15 12.68 -17.33
N PRO A 147 19.86 13.97 -17.57
CA PRO A 147 18.75 14.43 -18.41
C PRO A 147 18.98 14.26 -19.91
N ASP A 148 20.22 14.06 -20.32
CA ASP A 148 20.53 13.89 -21.73
C ASP A 148 21.88 13.22 -21.93
N ASP A 149 22.23 12.91 -23.18
CA ASP A 149 23.48 12.24 -23.50
C ASP A 149 24.75 13.05 -23.27
N SER A 150 24.60 14.28 -22.79
CA SER A 150 25.79 15.09 -22.53
C SER A 150 26.36 14.72 -21.16
N LEU A 151 25.56 14.05 -20.33
CA LEU A 151 26.00 13.63 -19.01
C LEU A 151 26.78 12.31 -19.12
N GLU A 152 28.10 12.44 -19.17
CA GLU A 152 28.98 11.29 -19.30
C GLU A 152 28.78 10.23 -18.23
N PRO A 153 28.46 8.99 -18.65
CA PRO A 153 28.24 7.87 -17.73
C PRO A 153 29.55 7.52 -17.02
N PHE A 154 29.43 6.87 -15.85
CA PHE A 154 30.59 6.49 -15.07
C PHE A 154 31.70 5.71 -15.79
N PHE A 155 31.36 4.58 -16.40
CA PHE A 155 32.38 3.79 -17.07
C PHE A 155 33.14 4.59 -18.12
N ASP A 156 32.43 5.49 -18.81
CA ASP A 156 33.05 6.33 -19.83
C ASP A 156 34.11 7.20 -19.18
N SER A 157 33.73 7.89 -18.10
CA SER A 157 34.67 8.75 -17.38
C SER A 157 35.87 7.89 -16.97
N LEU A 158 35.58 6.67 -16.54
CA LEU A 158 36.62 5.74 -16.09
C LEU A 158 37.64 5.42 -17.19
N VAL A 159 37.15 5.14 -18.39
CA VAL A 159 38.03 4.81 -19.52
C VAL A 159 38.79 6.04 -20.04
N LYS A 160 38.12 7.17 -20.11
CA LYS A 160 38.77 8.39 -20.60
C LYS A 160 39.88 8.86 -19.67
N GLN A 161 39.67 8.74 -18.37
CA GLN A 161 40.65 9.20 -17.39
C GLN A 161 41.73 8.21 -16.97
N THR A 162 41.55 6.93 -17.25
CA THR A 162 42.53 5.94 -16.85
C THR A 162 42.98 5.07 -18.02
N HIS A 163 43.79 4.07 -17.71
CA HIS A 163 44.28 3.14 -18.72
C HIS A 163 43.55 1.80 -18.61
N VAL A 164 42.38 1.81 -17.98
CA VAL A 164 41.57 0.61 -17.82
C VAL A 164 40.90 0.30 -19.17
N PRO A 165 41.07 -0.92 -19.68
CA PRO A 165 40.47 -1.30 -20.97
C PRO A 165 38.96 -1.04 -21.00
N ASN A 166 38.43 -0.65 -22.15
CA ASN A 166 37.02 -0.37 -22.30
C ASN A 166 36.24 -1.69 -22.30
N LEU A 167 36.16 -2.31 -21.13
CA LEU A 167 35.49 -3.60 -21.00
C LEU A 167 35.28 -4.01 -19.54
N PHE A 168 34.21 -4.74 -19.28
CA PHE A 168 33.95 -5.26 -17.95
C PHE A 168 33.12 -6.53 -18.08
N SER A 169 33.24 -7.42 -17.09
CA SER A 169 32.53 -8.69 -17.10
C SER A 169 31.84 -8.91 -15.77
N LEU A 170 30.70 -9.58 -15.80
CA LEU A 170 29.94 -9.83 -14.58
C LEU A 170 29.63 -11.29 -14.31
N GLN A 171 29.85 -11.70 -13.06
CA GLN A 171 29.55 -13.06 -12.65
C GLN A 171 28.59 -12.97 -11.46
N LEU A 172 27.29 -13.03 -11.73
CA LEU A 172 26.29 -12.97 -10.66
C LEU A 172 26.03 -14.39 -10.18
N CYS A 173 26.26 -14.65 -8.90
CA CYS A 173 26.05 -15.99 -8.37
C CYS A 173 24.81 -16.19 -7.52
N GLY A 174 23.82 -16.89 -8.07
CA GLY A 174 22.60 -17.17 -7.34
C GLY A 174 22.92 -18.33 -6.41
N ALA A 175 22.48 -18.24 -5.16
CA ALA A 175 22.78 -19.29 -4.19
C ALA A 175 22.09 -20.63 -4.46
N GLY A 176 20.88 -20.59 -5.02
CA GLY A 176 20.16 -21.82 -5.29
C GLY A 176 19.18 -22.13 -4.17
N PHE A 177 19.23 -21.32 -3.12
CA PHE A 177 18.34 -21.47 -1.97
C PHE A 177 18.21 -20.09 -1.35
N PRO A 178 17.17 -19.86 -0.54
CA PRO A 178 16.96 -18.55 0.09
C PRO A 178 18.10 -18.13 1.01
N LEU A 179 18.34 -16.84 1.07
CA LEU A 179 19.39 -16.28 1.92
C LEU A 179 18.78 -15.25 2.84
N ASN A 180 18.92 -15.46 4.15
CA ASN A 180 18.37 -14.51 5.11
C ASN A 180 19.28 -13.30 5.22
N GLN A 181 18.73 -12.18 5.67
CA GLN A 181 19.46 -10.92 5.82
C GLN A 181 20.93 -11.04 6.20
N SER A 182 21.21 -11.69 7.33
CA SER A 182 22.59 -11.80 7.78
C SER A 182 23.50 -12.57 6.84
N GLU A 183 23.00 -13.63 6.22
CA GLU A 183 23.84 -14.41 5.32
C GLU A 183 24.05 -13.77 3.95
N VAL A 184 23.09 -12.97 3.49
CA VAL A 184 23.24 -12.29 2.21
C VAL A 184 24.39 -11.30 2.36
N LEU A 185 24.48 -10.72 3.56
CA LEU A 185 25.52 -9.75 3.89
C LEU A 185 26.86 -10.44 4.10
N ALA A 186 26.81 -11.70 4.53
CA ALA A 186 28.01 -12.47 4.79
C ALA A 186 28.55 -13.26 3.59
N SER A 187 27.67 -13.62 2.66
CA SER A 187 28.08 -14.38 1.48
C SER A 187 28.59 -13.55 0.31
N VAL A 188 29.34 -14.21 -0.57
CA VAL A 188 29.87 -13.57 -1.77
C VAL A 188 28.81 -13.74 -2.83
N GLY A 189 28.41 -12.65 -3.46
CA GLY A 189 27.39 -12.74 -4.48
C GLY A 189 27.92 -12.78 -5.90
N GLY A 190 29.25 -12.72 -6.06
CA GLY A 190 29.82 -12.76 -7.39
C GLY A 190 30.99 -11.83 -7.62
N SER A 191 31.33 -11.63 -8.89
CA SER A 191 32.46 -10.78 -9.24
C SER A 191 32.16 -9.85 -10.40
N MET A 192 32.63 -8.61 -10.31
CA MET A 192 32.51 -7.66 -11.39
C MET A 192 33.96 -7.34 -11.74
N ILE A 193 34.45 -7.91 -12.82
CA ILE A 193 35.82 -7.68 -13.25
C ILE A 193 35.86 -6.46 -14.16
N ILE A 194 36.46 -5.38 -13.67
CA ILE A 194 36.55 -4.14 -14.43
C ILE A 194 37.84 -4.06 -15.24
N GLY A 195 37.68 -3.94 -16.56
CA GLY A 195 38.81 -3.83 -17.45
C GLY A 195 39.37 -5.16 -17.93
N GLY A 196 38.71 -6.27 -17.59
CA GLY A 196 39.21 -7.56 -18.02
C GLY A 196 38.28 -8.74 -17.90
N ILE A 197 38.83 -9.92 -18.15
CA ILE A 197 38.10 -11.18 -18.11
C ILE A 197 38.87 -12.20 -17.28
N ASP A 198 38.30 -12.65 -16.18
CA ASP A 198 38.98 -13.63 -15.34
C ASP A 198 38.55 -15.04 -15.74
N HIS A 199 39.51 -15.86 -16.15
CA HIS A 199 39.22 -17.21 -16.60
C HIS A 199 38.76 -18.20 -15.53
N SER A 200 38.90 -17.85 -14.26
CA SER A 200 38.48 -18.77 -13.20
C SER A 200 36.97 -18.70 -12.96
N LEU A 201 36.31 -17.73 -13.58
CA LEU A 201 34.87 -17.54 -13.40
C LEU A 201 34.00 -18.32 -14.37
N TYR A 202 34.61 -19.09 -15.26
CA TYR A 202 33.81 -19.83 -16.24
C TYR A 202 34.51 -21.06 -16.80
N THR A 203 33.74 -21.89 -17.48
CA THR A 203 34.27 -23.10 -18.12
C THR A 203 33.84 -23.04 -19.58
N GLY A 204 34.44 -23.88 -20.42
CA GLY A 204 34.07 -23.90 -21.82
C GLY A 204 34.52 -22.64 -22.53
N SER A 205 34.04 -22.44 -23.75
CA SER A 205 34.44 -21.28 -24.51
C SER A 205 33.50 -20.11 -24.32
N LEU A 206 33.96 -18.94 -24.74
CA LEU A 206 33.17 -17.72 -24.67
C LEU A 206 32.63 -17.48 -26.07
N TRP A 207 31.32 -17.26 -26.20
CA TRP A 207 30.72 -16.96 -27.49
C TRP A 207 30.22 -15.53 -27.45
N TYR A 208 30.43 -14.79 -28.52
CA TYR A 208 30.04 -13.40 -28.57
C TYR A 208 28.88 -13.07 -29.50
N THR A 209 28.04 -12.15 -29.05
CA THR A 209 26.91 -11.70 -29.84
C THR A 209 27.12 -10.20 -29.98
N PRO A 210 26.86 -9.65 -31.17
CA PRO A 210 27.04 -8.21 -31.37
C PRO A 210 26.09 -7.30 -30.60
N ILE A 211 26.60 -6.15 -30.16
CA ILE A 211 25.75 -5.18 -29.48
C ILE A 211 25.15 -4.41 -30.65
N ARG A 212 23.87 -4.66 -30.92
CA ARG A 212 23.19 -4.04 -32.04
C ARG A 212 23.34 -2.51 -32.10
N ARG A 213 23.21 -1.87 -30.95
CA ARG A 213 23.32 -0.43 -30.88
C ARG A 213 23.70 0.00 -29.46
N GLU A 214 24.58 0.98 -29.36
CA GLU A 214 25.05 1.47 -28.08
C GLU A 214 24.16 2.48 -27.35
N TRP A 215 23.27 1.95 -26.53
CA TRP A 215 22.38 2.74 -25.68
C TRP A 215 22.16 1.79 -24.50
N TYR A 216 21.26 0.83 -24.66
CA TYR A 216 21.07 -0.19 -23.64
C TYR A 216 22.07 -1.22 -24.17
N TYR A 217 22.29 -2.30 -23.45
CA TYR A 217 23.16 -3.32 -23.98
C TYR A 217 22.18 -4.21 -24.76
N GLU A 218 21.92 -3.81 -26.00
CA GLU A 218 20.98 -4.49 -26.88
C GLU A 218 21.58 -5.58 -27.75
N VAL A 219 20.90 -6.73 -27.78
CA VAL A 219 21.35 -7.87 -28.59
C VAL A 219 20.15 -8.37 -29.39
N ILE A 220 20.39 -9.35 -30.25
CA ILE A 220 19.31 -9.91 -31.06
C ILE A 220 19.16 -11.40 -30.85
N ILE A 221 17.95 -11.82 -30.45
CA ILE A 221 17.66 -13.23 -30.24
C ILE A 221 17.07 -13.74 -31.55
N VAL A 222 17.63 -14.81 -32.11
CA VAL A 222 17.15 -15.32 -33.39
C VAL A 222 16.33 -16.61 -33.36
N ARG A 223 16.25 -17.24 -32.19
CA ARG A 223 15.51 -18.48 -32.06
C ARG A 223 15.30 -18.82 -30.59
N VAL A 224 14.21 -19.51 -30.29
CA VAL A 224 13.91 -19.90 -28.92
C VAL A 224 13.43 -21.34 -28.88
N GLU A 225 13.95 -22.11 -27.92
CA GLU A 225 13.56 -23.51 -27.77
C GLU A 225 13.21 -23.81 -26.32
N ILE A 226 12.23 -24.68 -26.14
CA ILE A 226 11.81 -25.14 -24.81
C ILE A 226 12.06 -26.64 -24.91
N ASN A 227 13.05 -27.14 -24.16
CA ASN A 227 13.40 -28.55 -24.20
C ASN A 227 13.60 -29.03 -25.65
N GLY A 228 14.36 -28.27 -26.43
CA GLY A 228 14.63 -28.64 -27.81
C GLY A 228 13.55 -28.24 -28.80
N GLN A 229 12.35 -28.00 -28.32
CA GLN A 229 11.24 -27.62 -29.18
C GLN A 229 11.22 -26.14 -29.56
N ASP A 230 11.26 -25.88 -30.86
CA ASP A 230 11.26 -24.53 -31.39
C ASP A 230 9.95 -23.83 -31.03
N LEU A 231 10.04 -22.68 -30.40
CA LEU A 231 8.85 -21.91 -30.03
C LEU A 231 8.19 -21.56 -31.36
N LYS A 232 9.02 -21.54 -32.40
CA LYS A 232 8.59 -21.27 -33.77
C LYS A 232 7.81 -19.99 -34.00
N MET A 233 8.33 -18.88 -33.50
CA MET A 233 7.68 -17.59 -33.71
C MET A 233 8.56 -16.78 -34.64
N ASP A 234 7.98 -15.76 -35.29
CA ASP A 234 8.75 -14.91 -36.18
C ASP A 234 9.78 -14.28 -35.23
N CYS A 235 11.06 -14.47 -35.53
CA CYS A 235 12.10 -13.98 -34.63
C CYS A 235 12.00 -12.50 -34.26
N LYS A 236 11.24 -11.72 -35.01
CA LYS A 236 11.08 -10.31 -34.68
C LYS A 236 10.34 -10.18 -33.35
N GLU A 237 9.44 -11.12 -33.08
CA GLU A 237 8.66 -11.12 -31.85
C GLU A 237 9.59 -11.18 -30.64
N TYR A 238 10.64 -11.99 -30.76
CA TYR A 238 11.61 -12.18 -29.69
C TYR A 238 12.33 -10.90 -29.31
N ASN A 239 12.31 -9.93 -30.22
CA ASN A 239 13.02 -8.66 -30.00
C ASN A 239 12.12 -7.45 -30.16
N TYR A 240 10.86 -7.60 -29.80
CA TYR A 240 9.87 -6.54 -29.90
C TYR A 240 9.61 -5.89 -28.54
N ASP A 241 10.14 -4.69 -28.30
CA ASP A 241 10.65 -3.82 -29.36
C ASP A 241 12.18 -3.74 -29.29
N LYS A 242 12.76 -4.51 -28.38
CA LYS A 242 14.20 -4.58 -28.19
C LYS A 242 14.52 -5.74 -27.26
N SER A 243 15.79 -6.09 -27.17
CA SER A 243 16.24 -7.15 -26.28
C SER A 243 17.53 -6.65 -25.64
N ILE A 244 17.53 -6.60 -24.30
CA ILE A 244 18.68 -6.09 -23.58
C ILE A 244 19.13 -7.04 -22.48
N VAL A 245 20.35 -6.81 -21.99
CA VAL A 245 20.90 -7.59 -20.89
C VAL A 245 20.94 -6.62 -19.72
N ASP A 246 20.25 -6.96 -18.63
CA ASP A 246 20.20 -6.04 -17.49
C ASP A 246 20.32 -6.70 -16.12
N SER A 247 21.49 -6.54 -15.53
CA SER A 247 21.77 -7.10 -14.21
C SER A 247 20.83 -6.50 -13.17
N GLY A 248 20.17 -5.40 -13.53
CA GLY A 248 19.26 -4.75 -12.60
C GLY A 248 17.84 -5.24 -12.64
N THR A 249 17.55 -6.22 -13.50
CA THR A 249 16.22 -6.81 -13.59
C THR A 249 16.31 -8.24 -13.08
N THR A 250 15.41 -8.61 -12.18
CA THR A 250 15.42 -9.96 -11.61
C THR A 250 15.09 -11.07 -12.61
N ASN A 251 13.89 -11.01 -13.16
CA ASN A 251 13.40 -12.02 -14.09
C ASN A 251 13.87 -11.94 -15.52
N LEU A 252 13.55 -12.98 -16.26
CA LEU A 252 13.81 -13.03 -17.69
C LEU A 252 12.44 -12.53 -18.15
N ARG A 253 12.40 -11.32 -18.69
CA ARG A 253 11.12 -10.77 -19.15
C ARG A 253 10.98 -10.86 -20.65
N LEU A 254 9.80 -11.26 -21.09
CA LEU A 254 9.54 -11.44 -22.52
C LEU A 254 8.32 -10.64 -22.99
N PRO A 255 8.32 -10.20 -24.25
CA PRO A 255 7.17 -9.44 -24.75
C PRO A 255 5.94 -10.33 -24.72
N LYS A 256 4.81 -9.74 -24.33
CA LYS A 256 3.53 -10.44 -24.20
C LYS A 256 3.30 -11.71 -25.03
N LYS A 257 3.34 -11.59 -26.36
CA LYS A 257 3.09 -12.74 -27.21
C LYS A 257 4.09 -13.86 -27.01
N VAL A 258 5.35 -13.51 -26.84
CA VAL A 258 6.39 -14.51 -26.62
C VAL A 258 6.17 -15.17 -25.25
N PHE A 259 5.81 -14.36 -24.26
CA PHE A 259 5.56 -14.87 -22.92
C PHE A 259 4.44 -15.88 -22.91
N GLU A 260 3.36 -15.56 -23.62
CA GLU A 260 2.21 -16.45 -23.68
C GLU A 260 2.55 -17.79 -24.33
N ALA A 261 3.33 -17.76 -25.40
CA ALA A 261 3.73 -18.98 -26.09
C ALA A 261 4.70 -19.79 -25.24
N ALA A 262 5.68 -19.12 -24.65
CA ALA A 262 6.66 -19.81 -23.82
C ALA A 262 6.02 -20.46 -22.59
N VAL A 263 5.10 -19.77 -21.94
CA VAL A 263 4.45 -20.35 -20.77
C VAL A 263 3.60 -21.54 -21.18
N LYS A 264 2.95 -21.43 -22.34
CA LYS A 264 2.12 -22.53 -22.81
C LYS A 264 3.01 -23.75 -23.05
N SER A 265 4.22 -23.51 -23.55
CA SER A 265 5.16 -24.60 -23.83
C SER A 265 5.79 -25.14 -22.55
N ILE A 266 6.12 -24.24 -21.62
CA ILE A 266 6.73 -24.65 -20.36
C ILE A 266 5.69 -25.43 -19.52
N LYS A 267 4.41 -25.09 -19.70
CA LYS A 267 3.35 -25.78 -18.97
C LYS A 267 3.16 -27.19 -19.52
N ALA A 268 3.24 -27.31 -20.85
CA ALA A 268 3.07 -28.60 -21.50
C ALA A 268 4.20 -29.56 -21.15
N ALA A 269 5.42 -29.05 -21.05
CA ALA A 269 6.57 -29.88 -20.72
C ALA A 269 6.55 -30.37 -19.27
N SER A 270 5.93 -29.60 -18.40
CA SER A 270 5.87 -29.96 -16.98
C SER A 270 4.50 -30.43 -16.54
N SER A 271 3.64 -30.76 -17.52
CA SER A 271 2.28 -31.20 -17.25
C SER A 271 2.07 -32.34 -16.27
N THR A 272 3.12 -33.04 -15.87
CA THR A 272 2.95 -34.14 -14.90
C THR A 272 2.52 -33.57 -13.56
N GLU A 273 2.69 -32.26 -13.40
CA GLU A 273 2.26 -31.58 -12.19
C GLU A 273 1.55 -30.34 -12.68
N LYS A 274 0.52 -29.94 -11.95
CA LYS A 274 -0.26 -28.76 -12.32
C LYS A 274 0.04 -27.67 -11.30
N PHE A 275 0.18 -26.43 -11.77
CA PHE A 275 0.45 -25.34 -10.85
C PHE A 275 -0.60 -24.25 -11.02
N PRO A 276 -0.88 -23.50 -9.94
CA PRO A 276 -1.86 -22.42 -10.03
C PRO A 276 -1.39 -21.27 -10.91
N ASP A 277 -2.34 -20.53 -11.46
CA ASP A 277 -2.03 -19.40 -12.33
C ASP A 277 -1.16 -18.37 -11.63
N GLY A 278 -1.37 -18.20 -10.33
CA GLY A 278 -0.58 -17.24 -9.59
C GLY A 278 0.89 -17.55 -9.69
N PHE A 279 1.21 -18.84 -9.82
CA PHE A 279 2.59 -19.27 -9.95
C PHE A 279 3.16 -18.82 -11.28
N TRP A 280 2.45 -19.11 -12.37
CA TRP A 280 2.91 -18.74 -13.71
C TRP A 280 2.87 -17.23 -13.95
N LEU A 281 2.20 -16.50 -13.05
CA LEU A 281 2.13 -15.05 -13.15
C LEU A 281 3.25 -14.43 -12.32
N GLY A 282 4.08 -15.29 -11.76
CA GLY A 282 5.19 -14.85 -10.94
C GLY A 282 4.77 -14.19 -9.65
N GLU A 283 3.50 -14.32 -9.31
CA GLU A 283 2.97 -13.71 -8.09
C GLU A 283 3.06 -14.61 -6.87
N GLN A 284 2.81 -15.90 -7.04
CA GLN A 284 2.87 -16.79 -5.90
C GLN A 284 3.89 -17.91 -6.04
N LEU A 285 4.37 -18.36 -4.90
CA LEU A 285 5.37 -19.41 -4.85
C LEU A 285 4.75 -20.80 -4.74
N VAL A 286 5.59 -21.81 -4.97
CA VAL A 286 5.18 -23.20 -4.84
C VAL A 286 6.26 -23.80 -3.97
N CYS A 287 5.88 -24.76 -3.14
CA CYS A 287 6.86 -25.38 -2.28
C CYS A 287 6.83 -26.88 -2.43
N TRP A 288 7.94 -27.51 -2.05
CA TRP A 288 8.10 -28.95 -2.11
C TRP A 288 8.83 -29.37 -0.84
N GLN A 289 8.65 -30.62 -0.44
CA GLN A 289 9.32 -31.13 0.75
C GLN A 289 10.82 -30.95 0.54
N ALA A 290 11.53 -30.72 1.64
CA ALA A 290 12.98 -30.51 1.59
C ALA A 290 13.70 -31.43 0.60
N GLY A 291 14.47 -30.81 -0.30
CA GLY A 291 15.23 -31.56 -1.29
C GLY A 291 14.50 -32.35 -2.36
N THR A 292 13.20 -32.18 -2.50
CA THR A 292 12.47 -32.94 -3.51
C THR A 292 12.01 -32.15 -4.73
N THR A 293 12.52 -30.93 -4.89
CA THR A 293 12.14 -30.12 -6.05
C THR A 293 12.34 -31.02 -7.27
N PRO A 294 11.27 -31.25 -8.05
CA PRO A 294 11.31 -32.09 -9.25
C PRO A 294 11.88 -31.39 -10.49
N TRP A 295 13.13 -30.95 -10.39
CA TRP A 295 13.80 -30.24 -11.47
C TRP A 295 13.63 -30.88 -12.86
N ASN A 296 13.79 -32.19 -12.93
CA ASN A 296 13.70 -32.91 -14.19
C ASN A 296 12.37 -32.78 -14.94
N ILE A 297 11.30 -32.34 -14.26
CA ILE A 297 10.04 -32.21 -14.98
C ILE A 297 9.96 -30.86 -15.69
N PHE A 298 10.82 -29.93 -15.27
CA PHE A 298 10.84 -28.61 -15.91
C PHE A 298 11.86 -28.64 -17.04
N PRO A 299 11.53 -27.99 -18.15
CA PRO A 299 12.41 -27.93 -19.32
C PRO A 299 13.54 -26.91 -19.25
N VAL A 300 14.56 -27.13 -20.07
CA VAL A 300 15.66 -26.20 -20.16
C VAL A 300 15.18 -25.20 -21.18
N ILE A 301 15.72 -23.99 -21.15
CA ILE A 301 15.34 -22.98 -22.11
C ILE A 301 16.59 -22.50 -22.84
N SER A 302 16.51 -22.51 -24.17
CA SER A 302 17.64 -22.07 -24.98
C SER A 302 17.31 -20.81 -25.76
N LEU A 303 18.20 -19.84 -25.68
CA LEU A 303 18.03 -18.59 -26.41
C LEU A 303 19.19 -18.52 -27.38
N TYR A 304 18.88 -18.50 -28.68
CA TYR A 304 19.92 -18.39 -29.68
C TYR A 304 20.17 -16.91 -29.91
N LEU A 305 21.44 -16.54 -30.01
CA LEU A 305 21.81 -15.16 -30.22
C LEU A 305 22.61 -15.02 -31.51
N MET A 306 22.47 -13.88 -32.17
CA MET A 306 23.18 -13.60 -33.42
C MET A 306 24.68 -13.72 -33.15
N GLY A 307 25.39 -14.39 -34.04
CA GLY A 307 26.83 -14.55 -33.87
C GLY A 307 27.64 -13.45 -34.54
N GLU A 308 28.95 -13.48 -34.36
CA GLU A 308 29.84 -12.48 -34.97
C GLU A 308 30.06 -12.77 -36.45
N VAL A 309 30.07 -14.05 -36.80
CA VAL A 309 30.26 -14.47 -38.19
C VAL A 309 28.92 -14.50 -38.92
N THR A 310 28.95 -14.17 -40.20
CA THR A 310 27.74 -14.14 -41.03
C THR A 310 26.97 -15.47 -41.01
N ASN A 311 25.66 -15.37 -40.82
CA ASN A 311 24.79 -16.54 -40.80
C ASN A 311 25.15 -17.55 -39.72
N GLN A 312 25.87 -17.11 -38.71
CA GLN A 312 26.26 -18.00 -37.63
C GLN A 312 25.65 -17.55 -36.31
N SER A 313 25.17 -18.50 -35.53
CA SER A 313 24.59 -18.19 -34.24
C SER A 313 25.06 -19.20 -33.20
N PHE A 314 24.75 -18.92 -31.93
CA PHE A 314 25.08 -19.82 -30.85
C PHE A 314 23.92 -19.75 -29.88
N ARG A 315 23.93 -20.60 -28.87
CA ARG A 315 22.83 -20.59 -27.92
C ARG A 315 23.27 -20.70 -26.48
N ILE A 316 22.46 -20.13 -25.60
CA ILE A 316 22.71 -20.21 -24.17
C ILE A 316 21.50 -20.98 -23.66
N THR A 317 21.74 -21.92 -22.75
CA THR A 317 20.67 -22.74 -22.23
C THR A 317 20.63 -22.66 -20.71
N ILE A 318 19.46 -22.35 -20.16
CA ILE A 318 19.32 -22.28 -18.72
C ILE A 318 18.44 -23.41 -18.22
N LEU A 319 18.59 -23.74 -16.94
CA LEU A 319 17.83 -24.81 -16.31
C LEU A 319 16.76 -24.20 -15.40
N PRO A 320 15.83 -25.03 -14.90
CA PRO A 320 14.81 -24.47 -14.02
C PRO A 320 15.49 -23.91 -12.76
N GLN A 321 16.71 -24.38 -12.48
CA GLN A 321 17.45 -23.90 -11.32
C GLN A 321 17.77 -22.42 -11.50
N GLN A 322 17.60 -21.92 -12.72
CA GLN A 322 17.84 -20.51 -13.01
C GLN A 322 16.53 -19.73 -13.02
N TYR A 323 15.55 -20.20 -13.78
CA TYR A 323 14.29 -19.46 -13.88
C TYR A 323 13.28 -19.67 -12.75
N LEU A 324 13.61 -20.55 -11.80
CA LEU A 324 12.76 -20.74 -10.64
C LEU A 324 13.58 -20.06 -9.54
N ARG A 325 13.11 -18.91 -9.06
CA ARG A 325 13.83 -18.16 -8.03
C ARG A 325 13.51 -18.61 -6.60
N PRO A 326 14.55 -18.96 -5.83
CA PRO A 326 14.36 -19.40 -4.45
C PRO A 326 13.84 -18.28 -3.55
N VAL A 327 12.85 -18.61 -2.72
CA VAL A 327 12.28 -17.65 -1.77
C VAL A 327 11.87 -18.41 -0.51
N GLU A 328 12.13 -17.82 0.65
CA GLU A 328 11.80 -18.47 1.92
C GLU A 328 10.29 -18.61 2.06
N ASP A 329 9.86 -19.77 2.55
CA ASP A 329 8.43 -20.04 2.73
C ASP A 329 7.82 -19.09 3.75
N VAL A 330 6.53 -18.82 3.58
CA VAL A 330 5.81 -17.93 4.48
C VAL A 330 5.98 -18.38 5.92
N ALA A 331 5.68 -19.66 6.18
CA ALA A 331 5.80 -20.23 7.52
C ALA A 331 7.22 -20.67 7.85
N THR A 332 8.20 -20.04 7.21
CA THR A 332 9.61 -20.36 7.41
C THR A 332 9.84 -21.86 7.65
N SER A 333 9.18 -22.68 6.84
CA SER A 333 9.28 -24.14 6.96
C SER A 333 10.61 -24.66 6.41
N GLN A 334 10.75 -25.98 6.37
CA GLN A 334 11.94 -26.61 5.85
C GLN A 334 11.75 -26.99 4.39
N ASP A 335 10.67 -26.49 3.80
CA ASP A 335 10.35 -26.75 2.41
C ASP A 335 11.21 -25.87 1.51
N ASP A 336 11.42 -26.32 0.28
CA ASP A 336 12.16 -25.53 -0.69
C ASP A 336 11.08 -24.88 -1.54
N CYS A 337 11.02 -23.56 -1.53
CA CYS A 337 10.01 -22.84 -2.28
C CYS A 337 10.62 -21.92 -3.32
N TYR A 338 9.91 -21.72 -4.42
CA TYR A 338 10.40 -20.87 -5.49
C TYR A 338 9.29 -20.08 -6.16
N LYS A 339 9.69 -19.13 -7.00
CA LYS A 339 8.76 -18.31 -7.77
C LYS A 339 9.19 -18.40 -9.23
N PHE A 340 8.21 -18.33 -10.12
CA PHE A 340 8.48 -18.37 -11.55
C PHE A 340 9.16 -17.04 -11.87
N ALA A 341 10.44 -17.08 -12.22
CA ALA A 341 11.19 -15.87 -12.51
C ALA A 341 11.20 -15.48 -13.99
N ILE A 342 10.08 -15.71 -14.66
CA ILE A 342 9.92 -15.34 -16.06
C ILE A 342 8.60 -14.58 -16.11
N SER A 343 8.60 -13.36 -16.65
CA SER A 343 7.37 -12.60 -16.70
C SER A 343 7.18 -11.79 -17.97
N GLN A 344 5.97 -11.28 -18.12
CA GLN A 344 5.57 -10.50 -19.28
C GLN A 344 6.29 -9.15 -19.32
N SER A 345 6.39 -8.58 -20.51
CA SER A 345 7.05 -7.30 -20.68
C SER A 345 6.37 -6.55 -21.81
N SER A 346 6.31 -5.23 -21.70
CA SER A 346 5.70 -4.43 -22.75
C SER A 346 6.77 -3.54 -23.36
N THR A 347 8.01 -3.74 -22.93
CA THR A 347 9.13 -2.95 -23.44
C THR A 347 10.26 -3.86 -23.96
N GLY A 348 9.87 -4.98 -24.57
CA GLY A 348 10.87 -5.89 -25.11
C GLY A 348 11.41 -6.90 -24.13
N THR A 349 12.33 -7.73 -24.61
CA THR A 349 12.95 -8.76 -23.77
C THR A 349 13.98 -8.15 -22.83
N VAL A 350 14.12 -8.77 -21.67
CA VAL A 350 15.09 -8.35 -20.68
C VAL A 350 15.71 -9.61 -20.10
N MET A 351 16.97 -9.83 -20.42
CA MET A 351 17.69 -10.98 -19.90
C MET A 351 18.22 -10.47 -18.57
N GLY A 352 17.49 -10.76 -17.50
CA GLY A 352 17.87 -10.31 -16.17
C GLY A 352 18.80 -11.21 -15.39
N ALA A 353 18.90 -10.91 -14.09
CA ALA A 353 19.74 -11.64 -13.16
C ALA A 353 19.65 -13.16 -13.25
N VAL A 354 18.44 -13.70 -13.29
CA VAL A 354 18.27 -15.14 -13.33
C VAL A 354 18.89 -15.78 -14.56
N ILE A 355 18.89 -15.05 -15.67
CA ILE A 355 19.50 -15.54 -16.90
C ILE A 355 21.01 -15.41 -16.74
N MET A 356 21.44 -14.26 -16.23
CA MET A 356 22.87 -13.98 -16.02
C MET A 356 23.53 -14.88 -14.98
N GLU A 357 22.77 -15.29 -13.98
CA GLU A 357 23.28 -16.16 -12.93
C GLU A 357 23.79 -17.48 -13.51
N GLY A 358 23.39 -17.78 -14.73
CA GLY A 358 23.82 -19.01 -15.35
C GLY A 358 25.07 -18.87 -16.19
N PHE A 359 25.52 -17.63 -16.39
CA PHE A 359 26.69 -17.40 -17.22
C PHE A 359 27.63 -16.28 -16.77
N TYR A 360 28.81 -16.29 -17.35
CA TYR A 360 29.80 -15.26 -17.12
C TYR A 360 29.57 -14.38 -18.34
N VAL A 361 29.12 -13.15 -18.12
CA VAL A 361 28.83 -12.26 -19.22
C VAL A 361 29.89 -11.19 -19.36
N VAL A 362 30.45 -11.08 -20.56
CA VAL A 362 31.50 -10.10 -20.84
C VAL A 362 30.97 -8.96 -21.70
N PHE A 363 30.97 -7.76 -21.15
CA PHE A 363 30.52 -6.59 -21.88
C PHE A 363 31.73 -5.95 -22.58
N ASP A 364 32.02 -6.41 -23.79
CA ASP A 364 33.15 -5.92 -24.57
C ASP A 364 32.78 -4.65 -25.34
N ARG A 365 32.74 -3.53 -24.62
CA ARG A 365 32.41 -2.24 -25.20
C ARG A 365 33.40 -1.88 -26.31
N ALA A 366 34.67 -2.24 -26.09
CA ALA A 366 35.73 -1.97 -27.05
C ALA A 366 35.45 -2.61 -28.42
N ARG A 367 35.01 -3.86 -28.41
CA ARG A 367 34.72 -4.55 -29.66
C ARG A 367 33.22 -4.62 -29.94
N LYS A 368 32.47 -3.78 -29.22
CA LYS A 368 31.02 -3.68 -29.37
C LYS A 368 30.34 -5.04 -29.43
N ARG A 369 30.61 -5.88 -28.44
CA ARG A 369 30.02 -7.21 -28.41
C ARG A 369 29.83 -7.69 -26.99
N ILE A 370 28.95 -8.67 -26.83
CA ILE A 370 28.70 -9.24 -25.51
C ILE A 370 28.95 -10.74 -25.58
N GLY A 371 29.81 -11.22 -24.70
CA GLY A 371 30.13 -12.64 -24.69
C GLY A 371 29.51 -13.39 -23.53
N PHE A 372 29.16 -14.65 -23.80
CA PHE A 372 28.57 -15.51 -22.77
C PHE A 372 29.37 -16.79 -22.62
N ALA A 373 29.42 -17.31 -21.40
CA ALA A 373 30.13 -18.55 -21.10
C ALA A 373 29.50 -19.16 -19.86
N VAL A 374 29.54 -20.49 -19.77
CA VAL A 374 28.98 -21.19 -18.63
C VAL A 374 29.67 -20.69 -17.35
N SER A 375 28.86 -20.23 -16.40
CA SER A 375 29.38 -19.72 -15.15
C SER A 375 29.88 -20.81 -14.21
N ALA A 376 31.06 -20.59 -13.64
CA ALA A 376 31.64 -21.55 -12.72
C ALA A 376 30.85 -21.60 -11.41
N CYS A 377 29.85 -20.73 -11.26
CA CYS A 377 29.05 -20.72 -10.05
C CYS A 377 27.56 -20.90 -10.31
N HIS A 378 27.20 -21.38 -11.50
CA HIS A 378 25.78 -21.58 -11.81
C HIS A 378 25.23 -22.82 -11.09
N VAL A 379 23.98 -22.72 -10.64
CA VAL A 379 23.34 -23.82 -9.94
C VAL A 379 22.79 -24.87 -10.91
N HIS A 380 23.03 -26.14 -10.60
CA HIS A 380 22.54 -27.24 -11.42
C HIS A 380 22.43 -28.52 -10.60
N ASP A 381 22.15 -29.64 -11.27
CA ASP A 381 22.04 -30.94 -10.61
C ASP A 381 22.98 -31.94 -11.28
N GLU A 382 22.94 -33.20 -10.88
CA GLU A 382 23.84 -34.19 -11.48
C GLU A 382 23.48 -34.65 -12.89
N PHE A 383 22.34 -34.21 -13.41
CA PHE A 383 21.90 -34.64 -14.74
C PHE A 383 21.96 -33.59 -15.86
N ARG A 384 21.95 -32.32 -15.49
CA ARG A 384 21.99 -31.24 -16.48
C ARG A 384 22.79 -30.05 -15.96
N THR A 385 23.33 -29.27 -16.89
CA THR A 385 24.08 -28.07 -16.55
C THR A 385 23.74 -27.02 -17.57
N ALA A 386 23.92 -25.75 -17.21
CA ALA A 386 23.64 -24.67 -18.13
C ALA A 386 24.63 -24.85 -19.27
N ALA A 387 24.41 -24.18 -20.40
CA ALA A 387 25.32 -24.37 -21.51
C ALA A 387 25.38 -23.21 -22.49
N VAL A 388 26.47 -23.18 -23.24
CA VAL A 388 26.71 -22.17 -24.28
C VAL A 388 27.34 -22.98 -25.40
N GLU A 389 26.60 -23.11 -26.50
CA GLU A 389 27.09 -23.91 -27.60
C GLU A 389 26.90 -23.30 -28.98
N GLY A 390 27.68 -23.79 -29.93
CA GLY A 390 27.62 -23.31 -31.29
C GLY A 390 28.72 -23.93 -32.14
N PRO A 391 28.85 -23.53 -33.41
CA PRO A 391 28.00 -22.55 -34.08
C PRO A 391 26.80 -23.20 -34.75
N PHE A 392 25.82 -22.37 -35.14
CA PHE A 392 24.63 -22.87 -35.81
C PHE A 392 24.43 -22.01 -37.03
N VAL A 393 24.09 -22.65 -38.15
CA VAL A 393 23.83 -21.92 -39.38
C VAL A 393 22.45 -21.32 -39.27
N THR A 394 22.38 -19.99 -39.30
CA THR A 394 21.12 -19.27 -39.21
C THR A 394 21.12 -18.12 -40.22
N LEU A 395 20.06 -18.04 -41.01
CA LEU A 395 19.95 -17.02 -42.04
C LEU A 395 19.08 -15.83 -41.66
N ASP A 396 19.32 -14.72 -42.35
CA ASP A 396 18.56 -13.48 -42.14
C ASP A 396 18.34 -13.10 -40.67
N MET A 397 19.43 -13.07 -39.91
CA MET A 397 19.35 -12.73 -38.50
C MET A 397 19.14 -11.23 -38.29
N GLU A 398 19.68 -10.43 -39.20
CA GLU A 398 19.54 -8.98 -39.11
C GLU A 398 18.06 -8.62 -39.09
N ASP A 399 17.25 -9.43 -39.75
CA ASP A 399 15.81 -9.21 -39.83
C ASP A 399 15.08 -9.48 -38.51
N CYS A 400 15.75 -10.17 -37.59
CA CYS A 400 15.15 -10.47 -36.29
C CYS A 400 15.08 -9.20 -35.44
N GLY A 401 15.87 -8.21 -35.84
CA GLY A 401 15.90 -6.95 -35.11
C GLY A 401 14.72 -6.07 -35.48
N TYR A 402 14.04 -5.54 -34.47
CA TYR A 402 12.88 -4.68 -34.68
C TYR A 402 13.30 -3.26 -35.03
N ASN A 403 12.52 -2.63 -35.91
CA ASN A 403 12.78 -1.24 -36.32
C ASN A 403 11.54 -0.38 -36.13
N PHE B 17 -0.19 4.80 17.11
CA PHE B 17 -0.72 5.96 17.89
C PHE B 17 -1.30 5.51 19.22
N VAL B 18 -0.47 4.87 20.03
CA VAL B 18 -0.91 4.36 21.33
C VAL B 18 -1.48 5.46 22.23
N GLU B 19 -0.83 6.62 22.22
CA GLU B 19 -1.28 7.73 23.05
C GLU B 19 -2.75 8.05 22.82
N MET B 20 -3.26 7.71 21.64
CA MET B 20 -4.65 7.99 21.33
C MET B 20 -5.61 6.81 21.48
N VAL B 21 -5.06 5.60 21.56
CA VAL B 21 -5.88 4.41 21.72
C VAL B 21 -6.64 4.47 23.04
N ASP B 22 -7.93 4.11 22.99
CA ASP B 22 -8.81 4.10 24.17
C ASP B 22 -9.08 5.49 24.74
N ASN B 23 -9.10 6.50 23.88
CA ASN B 23 -9.34 7.86 24.35
C ASN B 23 -10.82 8.22 24.37
N LEU B 24 -11.67 7.24 24.10
CA LEU B 24 -13.11 7.47 24.08
C LEU B 24 -13.87 6.76 25.18
N ARG B 25 -15.02 7.30 25.53
CA ARG B 25 -15.90 6.73 26.52
C ARG B 25 -17.34 6.99 26.09
N GLY B 26 -18.27 6.19 26.61
CA GLY B 26 -19.67 6.35 26.26
C GLY B 26 -20.31 5.12 25.64
N LYS B 27 -21.48 5.30 25.03
CA LYS B 27 -22.20 4.21 24.41
C LYS B 27 -23.12 4.74 23.30
N SER B 28 -23.66 3.83 22.49
CA SER B 28 -24.53 4.22 21.36
C SER B 28 -25.75 5.04 21.74
N GLY B 29 -26.36 4.73 22.87
CA GLY B 29 -27.54 5.46 23.31
C GLY B 29 -27.33 6.90 23.75
N GLN B 30 -26.17 7.20 24.31
CA GLN B 30 -25.90 8.56 24.78
C GLN B 30 -24.75 9.25 24.06
N GLY B 31 -24.02 8.50 23.24
CA GLY B 31 -22.92 9.07 22.49
C GLY B 31 -21.53 8.81 23.05
N TYR B 32 -20.53 8.91 22.20
CA TYR B 32 -19.15 8.69 22.61
C TYR B 32 -18.46 10.05 22.66
N TYR B 33 -17.65 10.25 23.68
CA TYR B 33 -16.97 11.53 23.84
C TYR B 33 -15.50 11.40 24.13
N VAL B 34 -14.76 12.47 23.87
CA VAL B 34 -13.33 12.51 24.11
C VAL B 34 -13.05 13.70 25.01
N GLU B 35 -11.95 13.64 25.73
CA GLU B 35 -11.58 14.72 26.62
C GLU B 35 -10.88 15.82 25.84
N MET B 36 -11.23 17.06 26.13
CA MET B 36 -10.60 18.21 25.48
C MET B 36 -10.40 19.31 26.51
N THR B 37 -9.58 20.29 26.17
CA THR B 37 -9.35 21.42 27.06
C THR B 37 -9.46 22.70 26.25
N VAL B 38 -10.16 23.68 26.80
CA VAL B 38 -10.33 24.96 26.14
C VAL B 38 -9.93 26.09 27.08
N GLY B 39 -9.31 27.12 26.52
CA GLY B 39 -8.90 28.26 27.31
C GLY B 39 -7.59 28.18 28.07
N SER B 40 -7.21 29.31 28.67
CA SER B 40 -5.99 29.43 29.45
C SER B 40 -6.32 30.13 30.77
N PRO B 41 -6.13 29.44 31.91
CA PRO B 41 -5.61 28.08 32.00
C PRO B 41 -6.60 27.06 31.42
N PRO B 42 -6.12 25.84 31.10
CA PRO B 42 -6.93 24.76 30.54
C PRO B 42 -8.16 24.38 31.33
N GLN B 43 -9.30 24.36 30.65
CA GLN B 43 -10.57 23.96 31.27
C GLN B 43 -10.96 22.64 30.63
N THR B 44 -10.90 21.56 31.41
CA THR B 44 -11.24 20.23 30.91
C THR B 44 -12.73 20.05 30.65
N LEU B 45 -13.05 19.40 29.53
CA LEU B 45 -14.44 19.17 29.14
C LEU B 45 -14.59 17.91 28.31
N ASN B 46 -15.67 17.16 28.53
CA ASN B 46 -15.94 15.95 27.76
C ASN B 46 -16.77 16.36 26.55
N ILE B 47 -16.22 16.12 25.37
CA ILE B 47 -16.86 16.51 24.12
C ILE B 47 -17.33 15.37 23.21
N LEU B 48 -18.64 15.37 22.92
CA LEU B 48 -19.25 14.36 22.07
C LEU B 48 -18.66 14.40 20.66
N VAL B 49 -18.25 13.24 20.16
CA VAL B 49 -17.69 13.14 18.82
C VAL B 49 -18.90 13.00 17.88
N ASP B 50 -19.10 14.01 17.02
CA ASP B 50 -20.25 14.00 16.10
C ASP B 50 -19.88 14.32 14.66
N THR B 51 -19.82 13.28 13.83
CA THR B 51 -19.49 13.43 12.42
C THR B 51 -20.68 13.90 11.59
N GLY B 52 -21.82 14.07 12.25
CA GLY B 52 -23.03 14.51 11.56
C GLY B 52 -23.30 16.00 11.68
N SER B 53 -22.30 16.75 12.12
CA SER B 53 -22.44 18.20 12.24
C SER B 53 -21.06 18.82 12.08
N SER B 54 -21.00 20.14 11.95
CA SER B 54 -19.74 20.83 11.76
C SER B 54 -19.48 21.93 12.76
N ASN B 55 -20.20 21.93 13.87
CA ASN B 55 -20.00 22.98 14.87
C ASN B 55 -19.39 22.50 16.17
N PHE B 56 -18.38 23.24 16.64
CA PHE B 56 -17.73 22.92 17.92
C PHE B 56 -18.40 23.84 18.94
N ALA B 57 -19.16 23.25 19.86
CA ALA B 57 -19.86 24.02 20.87
C ALA B 57 -19.82 23.37 22.24
N VAL B 58 -19.92 24.20 23.27
CA VAL B 58 -19.87 23.70 24.63
C VAL B 58 -20.86 24.45 25.54
N GLY B 59 -21.33 23.75 26.59
CA GLY B 59 -22.22 24.38 27.54
C GLY B 59 -21.41 25.47 28.22
N ALA B 60 -21.96 26.68 28.29
CA ALA B 60 -21.23 27.79 28.89
C ALA B 60 -21.93 28.37 30.11
N ALA B 61 -22.97 27.67 30.58
CA ALA B 61 -23.72 28.12 31.75
C ALA B 61 -24.31 26.90 32.45
N PRO B 62 -24.46 26.98 33.78
CA PRO B 62 -25.01 25.88 34.58
C PRO B 62 -26.26 25.26 33.95
N HIS B 63 -26.28 23.93 33.92
CA HIS B 63 -27.40 23.19 33.36
C HIS B 63 -27.64 21.96 34.24
N PRO B 64 -28.91 21.63 34.49
CA PRO B 64 -29.26 20.48 35.33
C PRO B 64 -28.46 19.21 34.97
N PHE B 65 -28.23 18.99 33.69
CA PHE B 65 -27.51 17.81 33.22
C PHE B 65 -26.00 17.94 33.12
N LEU B 66 -25.48 19.16 33.20
CA LEU B 66 -24.04 19.35 33.08
C LEU B 66 -23.35 19.44 34.42
N HIS B 67 -22.24 18.72 34.58
CA HIS B 67 -21.50 18.73 35.82
C HIS B 67 -20.45 19.85 35.76
N ARG B 68 -20.23 20.37 34.56
CA ARG B 68 -19.25 21.45 34.35
C ARG B 68 -19.47 22.09 32.99
N TYR B 69 -18.97 23.31 32.83
CA TYR B 69 -19.14 24.02 31.58
C TYR B 69 -17.99 24.99 31.31
N TYR B 70 -18.00 25.56 30.12
CA TYR B 70 -16.99 26.51 29.67
C TYR B 70 -17.24 27.88 30.30
N GLN B 71 -16.18 28.48 30.83
CA GLN B 71 -16.27 29.78 31.46
C GLN B 71 -15.32 30.77 30.80
N ARG B 72 -15.80 31.46 29.77
CA ARG B 72 -15.01 32.44 29.02
C ARG B 72 -14.29 33.47 29.88
N GLN B 73 -14.97 34.02 30.88
CA GLN B 73 -14.38 35.04 31.74
C GLN B 73 -13.17 34.54 32.52
N LEU B 74 -12.92 33.25 32.47
CA LEU B 74 -11.77 32.68 33.18
C LEU B 74 -10.64 32.29 32.21
N SER B 75 -10.86 32.56 30.93
CA SER B 75 -9.86 32.24 29.92
C SER B 75 -9.19 33.51 29.41
N SER B 76 -7.88 33.62 29.65
CA SER B 76 -7.12 34.77 29.22
C SER B 76 -7.02 34.86 27.70
N THR B 77 -7.11 33.71 27.05
CA THR B 77 -7.01 33.67 25.59
C THR B 77 -8.34 33.68 24.84
N TYR B 78 -9.44 33.83 25.58
CA TYR B 78 -10.75 33.86 24.94
C TYR B 78 -10.93 35.10 24.07
N ARG B 79 -11.57 34.93 22.91
CA ARG B 79 -11.82 36.03 21.98
C ARG B 79 -13.29 36.05 21.57
N ASP B 80 -13.96 37.17 21.83
CA ASP B 80 -15.38 37.36 21.51
C ASP B 80 -15.58 37.75 20.04
N LEU B 81 -16.51 37.08 19.36
CA LEU B 81 -16.80 37.37 17.96
C LEU B 81 -18.12 38.13 17.81
N ARG B 82 -18.66 38.58 18.95
CA ARG B 82 -19.92 39.33 18.99
C ARG B 82 -20.95 38.84 17.98
N LYS B 83 -21.08 37.53 17.85
CA LYS B 83 -22.07 36.98 16.92
C LYS B 83 -22.79 35.77 17.53
N GLY B 84 -24.10 35.76 17.34
CA GLY B 84 -24.90 34.66 17.85
C GLY B 84 -24.93 33.51 16.86
N VAL B 85 -25.38 32.35 17.30
CA VAL B 85 -25.45 31.18 16.44
C VAL B 85 -26.50 30.20 16.93
N TYR B 86 -27.30 29.71 16.00
CA TYR B 86 -28.37 28.76 16.25
C TYR B 86 -28.09 27.45 15.52
N VAL B 87 -28.11 26.33 16.26
CA VAL B 87 -27.87 25.04 15.63
C VAL B 87 -28.89 23.99 16.02
N PRO B 88 -29.72 23.59 15.05
CA PRO B 88 -30.77 22.57 15.25
C PRO B 88 -30.30 21.24 14.66
N TYR B 89 -30.58 20.15 15.36
CA TYR B 89 -30.20 18.82 14.89
C TYR B 89 -31.47 18.02 14.64
N THR B 90 -31.34 16.80 14.13
CA THR B 90 -32.52 15.97 13.88
C THR B 90 -33.34 15.93 15.17
N GLN B 91 -32.63 15.80 16.28
CA GLN B 91 -33.24 15.78 17.60
C GLN B 91 -32.37 16.59 18.54
N GLY B 92 -32.84 17.77 18.91
CA GLY B 92 -32.09 18.64 19.79
C GLY B 92 -31.73 19.94 19.12
N LYS B 93 -31.51 20.98 19.92
CA LYS B 93 -31.16 22.29 19.40
C LYS B 93 -30.56 23.17 20.48
N TRP B 94 -29.76 24.14 20.08
CA TRP B 94 -29.17 25.06 21.03
C TRP B 94 -28.82 26.38 20.39
N GLU B 95 -28.75 27.42 21.22
CA GLU B 95 -28.41 28.75 20.76
C GLU B 95 -27.18 29.14 21.57
N GLY B 96 -26.27 29.88 20.98
CA GLY B 96 -25.08 30.27 21.71
C GLY B 96 -24.33 31.46 21.13
N GLU B 97 -23.21 31.78 21.76
CA GLU B 97 -22.40 32.92 21.34
C GLU B 97 -21.05 32.46 20.81
N LEU B 98 -20.69 32.98 19.64
CA LEU B 98 -19.44 32.62 18.98
C LEU B 98 -18.21 33.32 19.53
N GLY B 99 -17.09 32.62 19.47
CA GLY B 99 -15.82 33.15 19.93
C GLY B 99 -14.75 32.16 19.55
N THR B 100 -13.50 32.47 19.90
CA THR B 100 -12.40 31.56 19.62
C THR B 100 -11.57 31.46 20.88
N ASP B 101 -10.88 30.34 21.04
CA ASP B 101 -10.03 30.14 22.20
C ASP B 101 -9.06 29.03 21.84
N LEU B 102 -8.06 28.82 22.69
CA LEU B 102 -7.09 27.78 22.45
C LEU B 102 -7.71 26.46 22.87
N VAL B 103 -7.48 25.43 22.07
CA VAL B 103 -8.03 24.10 22.34
C VAL B 103 -6.95 23.03 22.25
N SER B 104 -7.11 21.97 23.03
CA SER B 104 -6.16 20.86 23.02
C SER B 104 -6.85 19.55 23.34
N ILE B 105 -6.26 18.46 22.89
CA ILE B 105 -6.80 17.14 23.12
C ILE B 105 -5.80 16.32 23.94
N PRO B 106 -5.96 16.32 25.26
CA PRO B 106 -5.07 15.59 26.18
C PRO B 106 -4.59 14.25 25.64
N HIS B 107 -5.50 13.45 25.12
CA HIS B 107 -5.15 12.14 24.58
C HIS B 107 -5.26 12.11 23.05
N GLY B 108 -4.49 12.98 22.41
CA GLY B 108 -4.47 13.07 20.97
C GLY B 108 -3.18 13.73 20.56
N PRO B 109 -3.07 14.27 19.33
CA PRO B 109 -1.82 14.90 18.93
C PRO B 109 -1.37 15.93 19.95
N ASN B 110 -0.06 16.08 20.10
CA ASN B 110 0.46 17.04 21.06
C ASN B 110 0.55 18.41 20.40
N VAL B 111 -0.60 19.06 20.25
CA VAL B 111 -0.64 20.38 19.63
C VAL B 111 -1.75 21.23 20.26
N THR B 112 -1.70 22.53 19.99
CA THR B 112 -2.71 23.44 20.50
C THR B 112 -3.10 24.35 19.36
N VAL B 113 -4.39 24.51 19.15
CA VAL B 113 -4.85 25.37 18.07
C VAL B 113 -5.96 26.30 18.55
N ARG B 114 -6.09 27.44 17.87
CA ARG B 114 -7.15 28.37 18.22
C ARG B 114 -8.27 27.96 17.27
N ALA B 115 -9.44 27.68 17.83
CA ALA B 115 -10.57 27.25 17.00
C ALA B 115 -11.82 28.00 17.39
N ASN B 116 -12.83 27.94 16.52
CA ASN B 116 -14.08 28.60 16.79
C ASN B 116 -14.83 27.77 17.84
N ILE B 117 -15.46 28.45 18.78
CA ILE B 117 -16.22 27.77 19.82
C ILE B 117 -17.54 28.49 20.03
N ALA B 118 -18.62 27.73 20.04
CA ALA B 118 -19.93 28.29 20.26
C ALA B 118 -20.24 28.02 21.74
N ALA B 119 -20.43 29.09 22.51
CA ALA B 119 -20.74 28.95 23.93
C ALA B 119 -22.26 28.84 24.07
N ILE B 120 -22.73 27.61 24.29
CA ILE B 120 -24.17 27.33 24.42
C ILE B 120 -24.82 27.97 25.65
N THR B 121 -25.70 28.94 25.38
CA THR B 121 -26.41 29.68 26.43
C THR B 121 -27.85 29.20 26.60
N GLU B 122 -28.36 28.48 25.60
CA GLU B 122 -29.73 27.96 25.63
C GLU B 122 -29.79 26.66 24.85
N SER B 123 -30.58 25.70 25.34
CA SER B 123 -30.68 24.43 24.64
C SER B 123 -31.97 23.72 24.98
N ASP B 124 -32.36 22.80 24.10
CA ASP B 124 -33.58 22.02 24.30
C ASP B 124 -33.34 20.62 23.77
N LYS B 125 -33.44 19.64 24.66
CA LYS B 125 -33.25 18.23 24.27
C LYS B 125 -31.87 17.98 23.65
N PHE B 126 -30.90 18.81 24.02
CA PHE B 126 -29.55 18.64 23.49
C PHE B 126 -28.71 17.82 24.47
N PHE B 127 -28.47 18.37 25.65
CA PHE B 127 -27.68 17.64 26.63
C PHE B 127 -28.45 16.43 27.14
N ILE B 128 -27.72 15.38 27.49
CA ILE B 128 -28.33 14.15 27.97
C ILE B 128 -27.88 13.84 29.37
N ASN B 129 -28.84 13.71 30.27
CA ASN B 129 -28.54 13.41 31.67
C ASN B 129 -27.76 12.11 31.79
N GLY B 130 -26.61 12.18 32.45
CA GLY B 130 -25.77 11.01 32.64
C GLY B 130 -24.84 10.66 31.49
N SER B 131 -24.87 11.46 30.42
CA SER B 131 -24.01 11.21 29.26
C SER B 131 -22.54 11.47 29.58
N ASN B 132 -22.31 12.39 30.51
CA ASN B 132 -20.97 12.79 30.93
C ASN B 132 -20.23 13.73 29.98
N TRP B 133 -20.89 14.19 28.92
CA TRP B 133 -20.24 15.13 28.02
C TRP B 133 -20.98 16.45 28.11
N GLU B 134 -20.24 17.55 27.94
CA GLU B 134 -20.80 18.89 28.05
C GLU B 134 -20.65 19.71 26.77
N GLY B 135 -20.16 19.07 25.71
CA GLY B 135 -19.99 19.78 24.46
C GLY B 135 -20.07 18.84 23.29
N ILE B 136 -19.93 19.39 22.09
CA ILE B 136 -20.01 18.58 20.88
C ILE B 136 -18.95 19.00 19.87
N LEU B 137 -18.37 18.01 19.19
CA LEU B 137 -17.34 18.26 18.21
C LEU B 137 -17.82 17.87 16.81
N GLY B 138 -18.37 18.83 16.08
CA GLY B 138 -18.84 18.54 14.73
C GLY B 138 -17.64 18.34 13.84
N LEU B 139 -17.43 17.11 13.38
CA LEU B 139 -16.29 16.80 12.54
C LEU B 139 -16.56 16.86 11.03
N ALA B 140 -17.77 17.27 10.64
CA ALA B 140 -18.09 17.34 9.22
C ALA B 140 -17.54 18.63 8.58
N TYR B 141 -18.02 18.96 7.38
CA TYR B 141 -17.52 20.13 6.63
C TYR B 141 -18.22 21.46 6.83
N ALA B 142 -17.51 22.54 6.47
CA ALA B 142 -18.01 23.90 6.62
C ALA B 142 -19.36 24.10 5.95
N GLU B 143 -19.55 23.43 4.82
CA GLU B 143 -20.79 23.51 4.06
C GLU B 143 -22.04 23.53 4.91
N ILE B 144 -22.06 22.73 5.98
CA ILE B 144 -23.23 22.68 6.86
C ILE B 144 -22.99 23.28 8.25
N ALA B 145 -22.03 24.18 8.36
CA ALA B 145 -21.74 24.83 9.63
C ALA B 145 -22.64 26.04 9.79
N ARG B 146 -23.02 26.36 11.03
CA ARG B 146 -23.86 27.52 11.29
C ARG B 146 -22.99 28.60 11.91
N PRO B 147 -23.29 29.88 11.61
CA PRO B 147 -24.37 30.39 10.77
C PRO B 147 -24.17 30.08 9.28
N ASP B 148 -22.92 29.98 8.86
CA ASP B 148 -22.60 29.71 7.45
C ASP B 148 -21.21 29.07 7.30
N ASP B 149 -20.86 28.70 6.06
CA ASP B 149 -19.57 28.05 5.80
C ASP B 149 -18.33 28.91 6.10
N SER B 150 -18.55 30.15 6.50
CA SER B 150 -17.42 31.00 6.82
C SER B 150 -16.83 30.61 8.18
N LEU B 151 -17.64 29.97 9.03
CA LEU B 151 -17.16 29.53 10.35
C LEU B 151 -16.37 28.24 10.23
N GLU B 152 -15.05 28.39 10.11
CA GLU B 152 -14.15 27.26 9.96
C GLU B 152 -14.32 26.19 11.04
N PRO B 153 -14.58 24.94 10.63
CA PRO B 153 -14.75 23.79 11.52
C PRO B 153 -13.46 23.45 12.27
N PHE B 154 -13.59 22.81 13.41
CA PHE B 154 -12.44 22.44 14.23
C PHE B 154 -11.34 21.67 13.51
N PHE B 155 -11.70 20.56 12.87
CA PHE B 155 -10.70 19.76 12.20
C PHE B 155 -9.93 20.57 11.17
N ASP B 156 -10.63 21.40 10.41
CA ASP B 156 -9.97 22.23 9.42
C ASP B 156 -8.94 23.12 10.11
N SER B 157 -9.33 23.76 11.21
CA SER B 157 -8.40 24.61 11.96
C SER B 157 -7.21 23.77 12.40
N LEU B 158 -7.48 22.53 12.84
CA LEU B 158 -6.43 21.64 13.29
C LEU B 158 -5.42 21.33 12.19
N VAL B 159 -5.92 20.90 11.05
CA VAL B 159 -5.07 20.56 9.91
C VAL B 159 -4.36 21.79 9.35
N LYS B 160 -5.08 22.90 9.32
CA LYS B 160 -4.55 24.14 8.79
C LYS B 160 -3.47 24.77 9.70
N GLN B 161 -3.55 24.51 11.00
CA GLN B 161 -2.58 25.07 11.94
C GLN B 161 -1.50 24.10 12.41
N THR B 162 -1.56 22.85 11.97
CA THR B 162 -0.57 21.88 12.39
C THR B 162 -0.12 21.01 11.24
N HIS B 163 0.75 20.05 11.54
CA HIS B 163 1.25 19.13 10.54
C HIS B 163 0.52 17.80 10.66
N VAL B 164 -0.63 17.82 11.34
CA VAL B 164 -1.45 16.63 11.51
C VAL B 164 -2.16 16.30 10.20
N PRO B 165 -1.94 15.09 9.67
CA PRO B 165 -2.57 14.66 8.41
C PRO B 165 -4.08 14.90 8.38
N ASN B 166 -4.59 15.20 7.19
CA ASN B 166 -6.00 15.47 7.02
C ASN B 166 -6.87 14.21 6.99
N LEU B 167 -7.09 13.62 8.16
CA LEU B 167 -7.92 12.44 8.31
C LEU B 167 -7.94 11.93 9.75
N PHE B 168 -8.99 11.17 10.08
CA PHE B 168 -9.13 10.59 11.41
C PHE B 168 -9.91 9.29 11.30
N SER B 169 -9.80 8.45 12.31
CA SER B 169 -10.49 7.16 12.32
C SER B 169 -11.22 6.94 13.63
N LEU B 170 -12.34 6.23 13.57
CA LEU B 170 -13.12 5.99 14.77
C LEU B 170 -13.41 4.52 15.03
N GLN B 171 -13.17 4.09 16.26
CA GLN B 171 -13.46 2.74 16.68
C GLN B 171 -14.40 2.85 17.87
N LEU B 172 -15.70 2.76 17.61
CA LEU B 172 -16.68 2.84 18.69
C LEU B 172 -16.95 1.43 19.18
N CYS B 173 -16.77 1.21 20.47
CA CYS B 173 -16.97 -0.13 21.02
C CYS B 173 -18.21 -0.32 21.86
N GLY B 174 -19.16 -1.09 21.31
CA GLY B 174 -20.38 -1.38 22.03
C GLY B 174 -20.04 -2.52 22.97
N ALA B 175 -20.51 -2.44 24.21
CA ALA B 175 -20.24 -3.47 25.20
C ALA B 175 -20.95 -4.78 24.90
N GLY B 176 -22.14 -4.69 24.31
CA GLY B 176 -22.90 -5.88 24.00
C GLY B 176 -23.88 -6.21 25.12
N PHE B 177 -23.83 -5.40 26.18
CA PHE B 177 -24.71 -5.56 27.33
C PHE B 177 -24.81 -4.21 28.00
N PRO B 178 -25.84 -4.00 28.84
CA PRO B 178 -26.02 -2.71 29.53
C PRO B 178 -24.84 -2.31 30.40
N LEU B 179 -24.67 -1.00 30.56
CA LEU B 179 -23.60 -0.44 31.39
C LEU B 179 -24.20 0.59 32.32
N ASN B 180 -24.02 0.41 33.63
CA ASN B 180 -24.56 1.37 34.59
C ASN B 180 -23.66 2.59 34.64
N GLN B 181 -24.18 3.69 35.17
CA GLN B 181 -23.45 4.94 35.26
C GLN B 181 -21.99 4.74 35.67
N SER B 182 -21.78 3.97 36.74
CA SER B 182 -20.44 3.69 37.24
C SER B 182 -19.50 3.14 36.17
N GLU B 183 -19.88 2.02 35.57
CA GLU B 183 -19.04 1.38 34.56
C GLU B 183 -18.89 2.15 33.25
N VAL B 184 -19.93 2.88 32.83
CA VAL B 184 -19.81 3.64 31.60
C VAL B 184 -18.69 4.67 31.80
N LEU B 185 -18.58 5.16 33.02
CA LEU B 185 -17.56 6.14 33.37
C LEU B 185 -16.19 5.50 33.49
N ALA B 186 -16.16 4.26 33.96
CA ALA B 186 -14.91 3.55 34.18
C ALA B 186 -14.44 2.73 32.98
N SER B 187 -15.32 2.48 32.02
CA SER B 187 -14.97 1.66 30.86
C SER B 187 -14.49 2.43 29.63
N VAL B 188 -13.65 1.78 28.84
CA VAL B 188 -13.12 2.37 27.63
C VAL B 188 -14.16 2.18 26.54
N GLY B 189 -14.65 3.28 25.98
CA GLY B 189 -15.66 3.18 24.95
C GLY B 189 -15.11 3.09 23.54
N GLY B 190 -13.81 3.31 23.37
CA GLY B 190 -13.25 3.24 22.04
C GLY B 190 -12.06 4.15 21.80
N SER B 191 -11.72 4.33 20.52
CA SER B 191 -10.58 5.16 20.16
C SER B 191 -10.86 6.04 18.97
N MET B 192 -10.33 7.26 19.03
CA MET B 192 -10.43 8.22 17.93
C MET B 192 -9.00 8.55 17.57
N ILE B 193 -8.49 7.95 16.50
CA ILE B 193 -7.13 8.20 16.08
C ILE B 193 -7.11 9.43 15.17
N ILE B 194 -6.45 10.48 15.62
CA ILE B 194 -6.37 11.72 14.86
C ILE B 194 -5.12 11.78 14.01
N GLY B 195 -5.31 11.97 12.71
CA GLY B 195 -4.19 12.04 11.79
C GLY B 195 -3.54 10.72 11.46
N GLY B 196 -4.27 9.62 11.64
CA GLY B 196 -3.70 8.32 11.35
C GLY B 196 -4.66 7.13 11.48
N ILE B 197 -4.11 5.94 11.28
CA ILE B 197 -4.85 4.69 11.35
C ILE B 197 -4.08 3.71 12.21
N ASP B 198 -4.73 3.09 13.19
CA ASP B 198 -4.07 2.15 14.06
C ASP B 198 -4.48 0.71 13.69
N HIS B 199 -3.52 -0.05 13.18
CA HIS B 199 -3.75 -1.43 12.75
C HIS B 199 -4.30 -2.40 13.80
N SER B 200 -4.12 -2.09 15.08
CA SER B 200 -4.60 -2.99 16.13
C SER B 200 -6.10 -2.83 16.41
N LEU B 201 -6.73 -1.90 15.71
CA LEU B 201 -8.15 -1.65 15.93
C LEU B 201 -9.05 -2.43 14.98
N TYR B 202 -8.45 -3.15 14.04
CA TYR B 202 -9.23 -3.92 13.09
C TYR B 202 -8.50 -5.14 12.56
N THR B 203 -9.26 -5.97 11.84
CA THR B 203 -8.74 -7.18 11.22
C THR B 203 -9.23 -7.17 9.77
N GLY B 204 -8.52 -7.89 8.91
CA GLY B 204 -8.94 -7.93 7.52
C GLY B 204 -8.54 -6.67 6.80
N SER B 205 -9.02 -6.51 5.58
CA SER B 205 -8.68 -5.34 4.79
C SER B 205 -9.65 -4.19 4.97
N LEU B 206 -9.17 -2.99 4.65
CA LEU B 206 -9.97 -1.77 4.71
C LEU B 206 -10.51 -1.54 3.31
N TRP B 207 -11.81 -1.34 3.19
CA TRP B 207 -12.40 -1.07 1.89
C TRP B 207 -12.91 0.37 1.92
N TYR B 208 -12.70 1.09 0.82
CA TYR B 208 -13.09 2.48 0.75
C TYR B 208 -14.26 2.80 -0.18
N THR B 209 -15.11 3.70 0.29
CA THR B 209 -16.23 4.16 -0.49
C THR B 209 -16.02 5.67 -0.64
N PRO B 210 -16.34 6.22 -1.80
CA PRO B 210 -16.14 7.66 -2.01
C PRO B 210 -17.07 8.55 -1.22
N ILE B 211 -16.55 9.71 -0.82
CA ILE B 211 -17.36 10.70 -0.12
C ILE B 211 -17.97 11.45 -1.31
N ARG B 212 -19.24 11.19 -1.60
CA ARG B 212 -19.91 11.81 -2.73
C ARG B 212 -19.72 13.32 -2.80
N ARG B 213 -19.90 13.98 -1.66
CA ARG B 213 -19.79 15.44 -1.59
C ARG B 213 -19.37 15.82 -0.17
N GLU B 214 -18.50 16.82 -0.07
CA GLU B 214 -18.01 17.26 1.22
C GLU B 214 -18.85 18.29 1.97
N TRP B 215 -19.82 17.79 2.74
CA TRP B 215 -20.69 18.62 3.57
C TRP B 215 -20.94 17.74 4.79
N TYR B 216 -21.74 16.70 4.62
CA TYR B 216 -21.98 15.70 5.67
C TYR B 216 -20.98 14.67 5.18
N TYR B 217 -20.85 13.55 5.86
CA TYR B 217 -19.97 12.51 5.36
C TYR B 217 -20.91 11.60 4.58
N GLU B 218 -21.25 12.07 3.37
CA GLU B 218 -22.18 11.37 2.49
C GLU B 218 -21.56 10.31 1.62
N VAL B 219 -22.21 9.15 1.57
CA VAL B 219 -21.76 8.04 0.75
C VAL B 219 -22.93 7.50 -0.07
N ILE B 220 -22.68 6.48 -0.88
CA ILE B 220 -23.73 5.92 -1.70
C ILE B 220 -23.91 4.42 -1.49
N ILE B 221 -25.13 4.04 -1.10
CA ILE B 221 -25.49 2.64 -0.87
C ILE B 221 -26.09 2.15 -2.19
N VAL B 222 -25.52 1.08 -2.75
CA VAL B 222 -25.99 0.55 -4.03
C VAL B 222 -26.87 -0.69 -3.96
N ARG B 223 -26.82 -1.41 -2.84
CA ARG B 223 -27.62 -2.62 -2.69
C ARG B 223 -27.82 -2.93 -1.22
N VAL B 224 -28.95 -3.56 -0.91
CA VAL B 224 -29.26 -3.92 0.47
C VAL B 224 -29.78 -5.36 0.55
N GLU B 225 -29.20 -6.14 1.45
CA GLU B 225 -29.60 -7.53 1.63
C GLU B 225 -29.97 -7.85 3.08
N ILE B 226 -30.95 -8.73 3.23
CA ILE B 226 -31.38 -9.19 4.55
C ILE B 226 -31.16 -10.70 4.47
N ASN B 227 -30.20 -11.19 5.25
CA ASN B 227 -29.87 -12.61 5.24
C ASN B 227 -29.67 -13.10 3.81
N GLY B 228 -28.89 -12.35 3.03
CA GLY B 228 -28.61 -12.71 1.66
C GLY B 228 -29.69 -12.34 0.65
N GLN B 229 -30.88 -12.00 1.15
CA GLN B 229 -31.97 -11.65 0.26
C GLN B 229 -32.01 -10.17 -0.13
N ASP B 230 -31.97 -9.91 -1.44
CA ASP B 230 -32.00 -8.57 -1.99
C ASP B 230 -33.32 -7.87 -1.63
N LEU B 231 -33.22 -6.69 -1.04
CA LEU B 231 -34.41 -5.92 -0.67
C LEU B 231 -35.11 -5.54 -1.98
N LYS B 232 -34.34 -5.60 -3.07
CA LYS B 232 -34.81 -5.31 -4.41
C LYS B 232 -35.56 -3.99 -4.61
N MET B 233 -34.94 -2.89 -4.21
CA MET B 233 -35.56 -1.58 -4.37
C MET B 233 -34.70 -0.77 -5.32
N ASP B 234 -35.27 0.29 -5.90
CA ASP B 234 -34.50 1.15 -6.80
C ASP B 234 -33.43 1.71 -5.86
N CYS B 235 -32.16 1.44 -6.15
CA CYS B 235 -31.09 1.89 -5.27
C CYS B 235 -31.12 3.37 -4.86
N LYS B 236 -31.88 4.18 -5.60
CA LYS B 236 -31.98 5.60 -5.25
C LYS B 236 -32.72 5.76 -3.94
N GLU B 237 -33.66 4.86 -3.67
CA GLU B 237 -34.45 4.89 -2.45
C GLU B 237 -33.56 4.80 -1.22
N TYR B 238 -32.50 4.00 -1.33
CA TYR B 238 -31.54 3.81 -0.25
C TYR B 238 -30.82 5.10 0.12
N ASN B 239 -30.76 6.03 -0.84
CA ASN B 239 -30.06 7.29 -0.62
C ASN B 239 -30.97 8.49 -0.79
N TYR B 240 -32.24 8.32 -0.45
CA TYR B 240 -33.21 9.39 -0.56
C TYR B 240 -33.47 10.02 0.82
N ASP B 241 -32.97 11.24 1.02
CA ASP B 241 -32.45 12.08 -0.05
C ASP B 241 -30.94 12.21 0.08
N LYS B 242 -30.37 11.35 0.92
CA LYS B 242 -28.93 11.32 1.14
C LYS B 242 -28.58 10.21 2.13
N SER B 243 -27.32 9.82 2.15
CA SER B 243 -26.86 8.80 3.07
C SER B 243 -25.59 9.29 3.74
N ILE B 244 -25.61 9.32 5.06
CA ILE B 244 -24.45 9.80 5.82
C ILE B 244 -24.00 8.86 6.92
N VAL B 245 -22.76 9.06 7.36
CA VAL B 245 -22.20 8.28 8.46
C VAL B 245 -22.17 9.26 9.61
N ASP B 246 -22.85 8.93 10.71
CA ASP B 246 -22.90 9.84 11.85
C ASP B 246 -22.76 9.21 13.23
N SER B 247 -21.57 9.37 13.81
CA SER B 247 -21.28 8.84 15.13
C SER B 247 -22.21 9.46 16.16
N GLY B 248 -22.81 10.59 15.81
CA GLY B 248 -23.71 11.28 16.72
C GLY B 248 -25.13 10.74 16.70
N THR B 249 -25.40 9.76 15.84
CA THR B 249 -26.72 9.16 15.78
C THR B 249 -26.66 7.71 16.27
N THR B 250 -27.58 7.36 17.14
CA THR B 250 -27.61 6.01 17.72
C THR B 250 -27.93 4.88 16.72
N ASN B 251 -29.11 4.95 16.13
CA ASN B 251 -29.60 3.94 15.21
C ASN B 251 -29.17 4.00 13.77
N LEU B 252 -29.55 2.94 13.05
CA LEU B 252 -29.33 2.87 11.63
C LEU B 252 -30.69 3.41 11.19
N ARG B 253 -30.71 4.62 10.65
CA ARG B 253 -31.98 5.18 10.22
C ARG B 253 -32.11 5.08 8.71
N LEU B 254 -33.28 4.67 8.26
CA LEU B 254 -33.52 4.48 6.82
C LEU B 254 -34.73 5.26 6.34
N PRO B 255 -34.73 5.64 5.04
CA PRO B 255 -35.85 6.39 4.45
C PRO B 255 -37.12 5.56 4.62
N LYS B 256 -38.21 6.23 5.02
CA LYS B 256 -39.51 5.60 5.24
C LYS B 256 -39.80 4.37 4.37
N LYS B 257 -39.75 4.53 3.05
CA LYS B 257 -40.05 3.44 2.13
C LYS B 257 -39.11 2.25 2.31
N VAL B 258 -37.83 2.54 2.54
CA VAL B 258 -36.82 1.51 2.74
C VAL B 258 -36.98 0.85 4.11
N PHE B 259 -37.30 1.66 5.11
CA PHE B 259 -37.49 1.16 6.48
C PHE B 259 -38.60 0.10 6.51
N GLU B 260 -39.68 0.38 5.80
CA GLU B 260 -40.83 -0.52 5.76
C GLU B 260 -40.50 -1.85 5.10
N ALA B 261 -39.77 -1.81 3.99
CA ALA B 261 -39.39 -3.02 3.30
C ALA B 261 -38.47 -3.83 4.20
N ALA B 262 -37.49 -3.14 4.80
CA ALA B 262 -36.54 -3.79 5.69
C ALA B 262 -37.21 -4.47 6.88
N VAL B 263 -38.07 -3.75 7.60
CA VAL B 263 -38.74 -4.33 8.77
C VAL B 263 -39.60 -5.52 8.37
N LYS B 264 -40.24 -5.42 7.21
CA LYS B 264 -41.09 -6.49 6.72
C LYS B 264 -40.23 -7.75 6.51
N SER B 265 -39.02 -7.53 6.00
CA SER B 265 -38.09 -8.63 5.74
C SER B 265 -37.48 -9.19 7.02
N ILE B 266 -37.11 -8.29 7.94
CA ILE B 266 -36.52 -8.70 9.21
C ILE B 266 -37.54 -9.46 10.07
N LYS B 267 -38.82 -9.11 9.92
CA LYS B 267 -39.88 -9.79 10.66
C LYS B 267 -40.09 -11.18 10.07
N ALA B 268 -40.02 -11.25 8.75
CA ALA B 268 -40.20 -12.51 8.03
C ALA B 268 -39.13 -13.53 8.39
N ALA B 269 -37.90 -13.04 8.51
CA ALA B 269 -36.78 -13.91 8.84
C ALA B 269 -36.77 -14.37 10.29
N SER B 270 -37.44 -13.62 11.16
CA SER B 270 -37.47 -13.94 12.58
C SER B 270 -38.86 -14.37 13.04
N SER B 271 -39.72 -14.70 12.08
CA SER B 271 -41.09 -15.12 12.35
C SER B 271 -41.25 -16.22 13.42
N THR B 272 -40.17 -16.94 13.73
CA THR B 272 -40.24 -18.01 14.73
C THR B 272 -40.73 -17.46 16.07
N GLU B 273 -40.58 -16.16 16.25
CA GLU B 273 -41.02 -15.50 17.46
C GLU B 273 -41.73 -14.23 17.03
N LYS B 274 -42.73 -13.82 17.80
CA LYS B 274 -43.46 -12.61 17.46
C LYS B 274 -43.21 -11.54 18.50
N PHE B 275 -43.08 -10.31 18.04
CA PHE B 275 -42.84 -9.20 18.94
C PHE B 275 -43.86 -8.10 18.74
N PRO B 276 -44.14 -7.33 19.79
CA PRO B 276 -45.11 -6.23 19.71
C PRO B 276 -44.64 -5.15 18.73
N ASP B 277 -45.60 -4.40 18.20
CA ASP B 277 -45.28 -3.34 17.26
C ASP B 277 -44.36 -2.29 17.89
N GLY B 278 -44.55 -2.06 19.19
CA GLY B 278 -43.72 -1.10 19.88
C GLY B 278 -42.25 -1.44 19.80
N PHE B 279 -41.97 -2.73 19.66
CA PHE B 279 -40.58 -3.19 19.55
C PHE B 279 -40.01 -2.77 18.21
N TRP B 280 -40.72 -3.09 17.14
CA TRP B 280 -40.28 -2.75 15.79
C TRP B 280 -40.28 -1.24 15.55
N LEU B 281 -40.94 -0.49 16.43
CA LEU B 281 -40.98 0.96 16.33
C LEU B 281 -39.88 1.58 17.18
N GLY B 282 -38.99 0.73 17.68
CA GLY B 282 -37.89 1.19 18.50
C GLY B 282 -38.32 1.84 19.80
N GLU B 283 -39.59 1.69 20.14
CA GLU B 283 -40.11 2.31 21.36
C GLU B 283 -39.94 1.45 22.61
N GLN B 284 -40.32 0.17 22.54
CA GLN B 284 -40.19 -0.68 23.70
C GLN B 284 -39.17 -1.80 23.56
N LEU B 285 -38.71 -2.29 24.71
CA LEU B 285 -37.71 -3.34 24.73
C LEU B 285 -38.31 -4.74 24.78
N VAL B 286 -37.47 -5.72 24.45
CA VAL B 286 -37.86 -7.12 24.48
C VAL B 286 -36.78 -7.78 25.33
N CYS B 287 -37.18 -8.72 26.18
CA CYS B 287 -36.23 -9.38 27.05
C CYS B 287 -36.27 -10.88 26.91
N TRP B 288 -35.17 -11.50 27.33
CA TRP B 288 -35.02 -12.95 27.31
C TRP B 288 -34.27 -13.36 28.56
N GLN B 289 -34.50 -14.58 29.03
CA GLN B 289 -33.82 -15.05 30.22
C GLN B 289 -32.33 -14.88 29.97
N ALA B 290 -31.57 -14.63 31.03
CA ALA B 290 -30.14 -14.42 30.91
C ALA B 290 -29.44 -15.42 29.99
N GLY B 291 -28.69 -14.88 29.03
CA GLY B 291 -27.94 -15.69 28.08
C GLY B 291 -28.70 -16.45 27.01
N THR B 292 -30.02 -16.25 26.91
CA THR B 292 -30.79 -16.98 25.91
C THR B 292 -31.24 -16.18 24.70
N THR B 293 -30.68 -14.98 24.52
CA THR B 293 -31.04 -14.15 23.38
C THR B 293 -30.87 -15.03 22.14
N PRO B 294 -31.96 -15.25 21.38
CA PRO B 294 -31.93 -16.08 20.17
C PRO B 294 -31.38 -15.37 18.94
N TRP B 295 -30.11 -14.94 19.04
CA TRP B 295 -29.45 -14.25 17.94
C TRP B 295 -29.66 -14.90 16.57
N ASN B 296 -29.42 -16.20 16.50
CA ASN B 296 -29.53 -16.96 15.25
C ASN B 296 -30.86 -16.79 14.51
N ILE B 297 -31.92 -16.39 15.19
CA ILE B 297 -33.19 -16.23 14.47
C ILE B 297 -33.25 -14.88 13.76
N PHE B 298 -32.41 -13.93 14.18
CA PHE B 298 -32.40 -12.64 13.52
C PHE B 298 -31.41 -12.67 12.37
N PRO B 299 -31.76 -12.03 11.25
CA PRO B 299 -30.91 -12.00 10.06
C PRO B 299 -29.76 -11.01 10.14
N VAL B 300 -28.76 -11.24 9.29
CA VAL B 300 -27.64 -10.34 9.22
C VAL B 300 -28.07 -9.33 8.17
N ILE B 301 -27.58 -8.10 8.28
CA ILE B 301 -27.92 -7.08 7.32
C ILE B 301 -26.66 -6.63 6.57
N SER B 302 -26.75 -6.58 5.24
CA SER B 302 -25.62 -6.16 4.44
C SER B 302 -25.94 -4.90 3.63
N LEU B 303 -25.01 -3.95 3.69
CA LEU B 303 -25.17 -2.70 2.97
C LEU B 303 -24.00 -2.66 1.99
N TYR B 304 -24.31 -2.62 0.70
CA TYR B 304 -23.25 -2.54 -0.30
C TYR B 304 -22.97 -1.07 -0.53
N LEU B 305 -21.70 -0.74 -0.61
CA LEU B 305 -21.30 0.64 -0.83
C LEU B 305 -20.55 0.77 -2.14
N MET B 306 -20.67 1.94 -2.76
CA MET B 306 -19.99 2.21 -4.01
C MET B 306 -18.49 2.16 -3.73
N GLY B 307 -17.75 1.48 -4.60
CA GLY B 307 -16.31 1.38 -4.43
C GLY B 307 -15.54 2.46 -5.17
N GLU B 308 -14.23 2.46 -5.00
CA GLU B 308 -13.35 3.43 -5.65
C GLU B 308 -13.16 3.10 -7.14
N VAL B 309 -13.14 1.80 -7.44
CA VAL B 309 -12.95 1.35 -8.81
C VAL B 309 -14.28 1.36 -9.57
N THR B 310 -14.22 1.71 -10.85
CA THR B 310 -15.42 1.77 -11.69
C THR B 310 -16.19 0.46 -11.67
N ASN B 311 -17.50 0.56 -11.46
CA ASN B 311 -18.38 -0.60 -11.43
C ASN B 311 -18.02 -1.64 -10.37
N GLN B 312 -17.25 -1.21 -9.37
CA GLN B 312 -16.86 -2.12 -8.31
C GLN B 312 -17.48 -1.66 -6.98
N SER B 313 -17.90 -2.63 -6.17
CA SER B 313 -18.48 -2.30 -4.87
C SER B 313 -18.04 -3.30 -3.82
N PHE B 314 -18.34 -3.00 -2.57
CA PHE B 314 -18.03 -3.90 -1.48
C PHE B 314 -19.21 -3.85 -0.52
N ARG B 315 -19.20 -4.70 0.50
CA ARG B 315 -20.31 -4.71 1.43
C ARG B 315 -19.88 -4.80 2.89
N ILE B 316 -20.68 -4.22 3.77
CA ILE B 316 -20.42 -4.31 5.19
C ILE B 316 -21.63 -5.05 5.73
N THR B 317 -21.38 -6.03 6.59
CA THR B 317 -22.47 -6.83 7.15
C THR B 317 -22.49 -6.75 8.66
N ILE B 318 -23.64 -6.46 9.23
CA ILE B 318 -23.78 -6.39 10.69
C ILE B 318 -24.70 -7.48 11.18
N LEU B 319 -24.57 -7.82 12.45
CA LEU B 319 -25.35 -8.87 13.08
C LEU B 319 -26.43 -8.26 13.99
N PRO B 320 -27.35 -9.10 14.49
CA PRO B 320 -28.38 -8.54 15.37
C PRO B 320 -27.70 -7.98 16.63
N GLN B 321 -26.48 -8.45 16.89
CA GLN B 321 -25.72 -7.97 18.03
C GLN B 321 -25.37 -6.50 17.85
N GLN B 322 -25.56 -6.00 16.63
CA GLN B 322 -25.30 -4.60 16.34
C GLN B 322 -26.58 -3.80 16.35
N TYR B 323 -27.60 -4.27 15.62
CA TYR B 323 -28.85 -3.51 15.56
C TYR B 323 -29.84 -3.75 16.69
N LEU B 324 -29.49 -4.62 17.63
CA LEU B 324 -30.34 -4.84 18.79
C LEU B 324 -29.53 -4.17 19.89
N ARG B 325 -29.98 -2.99 20.32
CA ARG B 325 -29.27 -2.23 21.34
C ARG B 325 -29.59 -2.67 22.76
N PRO B 326 -28.55 -2.97 23.55
CA PRO B 326 -28.72 -3.40 24.95
C PRO B 326 -29.23 -2.29 25.86
N VAL B 327 -30.23 -2.61 26.68
CA VAL B 327 -30.80 -1.65 27.63
C VAL B 327 -31.17 -2.37 28.93
N GLU B 328 -31.02 -1.67 30.05
CA GLU B 328 -31.36 -2.26 31.35
C GLU B 328 -32.87 -2.40 31.49
N ASP B 329 -33.30 -3.57 31.94
CA ASP B 329 -34.73 -3.85 32.12
C ASP B 329 -35.33 -3.03 33.25
N VAL B 330 -36.66 -2.98 33.31
CA VAL B 330 -37.36 -2.23 34.34
C VAL B 330 -37.43 -3.02 35.64
N SER B 333 -34.17 -7.70 37.76
CA SER B 333 -34.21 -8.58 36.59
C SER B 333 -32.82 -8.86 36.03
N GLN B 334 -32.52 -10.14 35.83
CA GLN B 334 -31.23 -10.54 35.27
C GLN B 334 -31.42 -10.93 33.81
N ASP B 335 -32.50 -10.43 33.21
CA ASP B 335 -32.79 -10.71 31.81
C ASP B 335 -31.91 -9.87 30.91
N ASP B 336 -31.69 -10.35 29.70
CA ASP B 336 -30.93 -9.59 28.72
C ASP B 336 -32.00 -8.95 27.85
N CYS B 337 -32.08 -7.62 27.89
CA CYS B 337 -33.10 -6.89 27.13
C CYS B 337 -32.48 -6.00 26.07
N TYR B 338 -33.25 -5.76 25.01
CA TYR B 338 -32.77 -4.93 23.91
C TYR B 338 -33.85 -4.09 23.27
N LYS B 339 -33.41 -3.12 22.47
CA LYS B 339 -34.30 -2.25 21.72
C LYS B 339 -33.86 -2.34 20.27
N PHE B 340 -34.83 -2.25 19.36
CA PHE B 340 -34.57 -2.31 17.93
C PHE B 340 -33.92 -0.99 17.55
N ALA B 341 -32.65 -1.05 17.16
CA ALA B 341 -31.90 0.16 16.80
C ALA B 341 -31.97 0.53 15.32
N ILE B 342 -33.09 0.24 14.69
CA ILE B 342 -33.30 0.58 13.30
C ILE B 342 -34.63 1.35 13.28
N SER B 343 -34.60 2.58 12.80
CA SER B 343 -35.81 3.38 12.77
C SER B 343 -35.99 4.16 11.48
N GLN B 344 -37.18 4.72 11.33
CA GLN B 344 -37.55 5.49 10.15
C GLN B 344 -36.87 6.86 10.12
N SER B 345 -36.68 7.37 8.92
CA SER B 345 -36.05 8.67 8.74
C SER B 345 -36.74 9.45 7.61
N SER B 346 -36.74 10.77 7.74
CA SER B 346 -37.34 11.62 6.72
C SER B 346 -36.26 12.49 6.10
N THR B 347 -35.01 12.24 6.49
CA THR B 347 -33.89 13.00 5.96
C THR B 347 -32.81 12.07 5.44
N GLY B 348 -33.23 10.98 4.81
CA GLY B 348 -32.30 10.02 4.25
C GLY B 348 -31.75 8.99 5.23
N THR B 349 -30.77 8.22 4.76
CA THR B 349 -30.15 7.20 5.57
C THR B 349 -29.08 7.75 6.51
N VAL B 350 -28.96 7.12 7.67
CA VAL B 350 -27.96 7.51 8.65
C VAL B 350 -27.32 6.26 9.22
N MET B 351 -26.05 6.05 8.90
CA MET B 351 -25.35 4.90 9.46
C MET B 351 -24.84 5.43 10.81
N GLY B 352 -25.59 5.14 11.86
CA GLY B 352 -25.23 5.61 13.18
C GLY B 352 -24.26 4.71 13.95
N ALA B 353 -24.10 5.04 15.23
CA ALA B 353 -23.21 4.31 16.13
C ALA B 353 -23.45 2.80 16.09
N VAL B 354 -24.70 2.42 15.92
CA VAL B 354 -25.05 1.00 15.87
C VAL B 354 -24.27 0.22 14.83
N ILE B 355 -24.18 0.73 13.61
CA ILE B 355 -23.45 0.00 12.59
C ILE B 355 -21.95 0.33 12.70
N MET B 356 -21.64 1.53 13.19
CA MET B 356 -20.23 1.91 13.34
C MET B 356 -19.52 1.05 14.40
N GLU B 357 -20.28 0.55 15.36
CA GLU B 357 -19.71 -0.28 16.41
C GLU B 357 -19.21 -1.59 15.86
N GLY B 358 -19.62 -1.91 14.63
CA GLY B 358 -19.18 -3.16 14.04
C GLY B 358 -17.95 -3.00 13.18
N PHE B 359 -17.50 -1.77 12.99
CA PHE B 359 -16.35 -1.51 12.14
C PHE B 359 -15.42 -0.41 12.61
N TYR B 360 -14.22 -0.42 12.03
CA TYR B 360 -13.22 0.61 12.28
C TYR B 360 -13.48 1.51 11.09
N VAL B 361 -13.83 2.77 11.33
CA VAL B 361 -14.14 3.67 10.24
C VAL B 361 -13.10 4.75 10.05
N VAL B 362 -12.54 4.80 8.84
CA VAL B 362 -11.51 5.78 8.52
C VAL B 362 -12.02 6.93 7.66
N PHE B 363 -12.08 8.12 8.25
CA PHE B 363 -12.53 9.29 7.52
C PHE B 363 -11.33 9.93 6.83
N ASP B 364 -11.02 9.41 5.64
CA ASP B 364 -9.87 9.90 4.87
C ASP B 364 -10.25 11.17 4.09
N ARG B 365 -10.22 12.31 4.77
CA ARG B 365 -10.57 13.58 4.16
C ARG B 365 -9.57 13.94 3.04
N ALA B 366 -8.31 13.58 3.25
CA ALA B 366 -7.26 13.85 2.27
C ALA B 366 -7.54 13.22 0.91
N ARG B 367 -8.02 11.99 0.91
CA ARG B 367 -8.32 11.31 -0.34
C ARG B 367 -9.82 11.21 -0.61
N LYS B 368 -10.57 12.09 0.05
CA LYS B 368 -12.02 12.20 -0.10
C LYS B 368 -12.73 10.84 -0.14
N ARG B 369 -12.47 10.01 0.87
CA ARG B 369 -13.08 8.69 0.94
C ARG B 369 -13.28 8.23 2.38
N ILE B 370 -14.11 7.21 2.56
CA ILE B 370 -14.39 6.65 3.88
C ILE B 370 -14.12 5.14 3.87
N GLY B 371 -13.24 4.70 4.78
CA GLY B 371 -12.89 3.30 4.85
C GLY B 371 -13.58 2.52 5.95
N PHE B 372 -13.81 1.22 5.69
CA PHE B 372 -14.44 0.33 6.65
C PHE B 372 -13.63 -0.96 6.77
N ALA B 373 -13.56 -1.47 7.99
CA ALA B 373 -12.86 -2.72 8.28
C ALA B 373 -13.52 -3.32 9.51
N VAL B 374 -13.53 -4.64 9.59
CA VAL B 374 -14.13 -5.32 10.74
C VAL B 374 -13.45 -4.82 12.01
N SER B 375 -14.25 -4.40 12.97
CA SER B 375 -13.72 -3.89 14.23
C SER B 375 -13.21 -5.00 15.16
N ALA B 376 -12.05 -4.75 15.75
CA ALA B 376 -11.45 -5.71 16.67
C ALA B 376 -12.26 -5.78 17.97
N CYS B 377 -13.20 -4.86 18.15
CA CYS B 377 -14.02 -4.83 19.36
C CYS B 377 -15.52 -4.97 19.05
N HIS B 378 -15.87 -5.50 17.89
CA HIS B 378 -17.28 -5.67 17.55
C HIS B 378 -17.84 -6.91 18.23
N VAL B 379 -19.09 -6.81 18.67
CA VAL B 379 -19.75 -7.91 19.36
C VAL B 379 -20.28 -8.95 18.38
N HIS B 380 -20.17 -10.23 18.76
CA HIS B 380 -20.67 -11.33 17.93
C HIS B 380 -20.82 -12.61 18.75
N ASP B 381 -21.03 -13.74 18.08
CA ASP B 381 -21.16 -15.03 18.75
C ASP B 381 -20.25 -16.04 18.04
N GLU B 382 -20.26 -17.29 18.46
CA GLU B 382 -19.38 -18.28 17.86
C GLU B 382 -19.74 -18.73 16.44
N PHE B 383 -20.90 -18.32 15.94
CA PHE B 383 -21.32 -18.74 14.60
C PHE B 383 -21.25 -17.69 13.50
N ARG B 384 -21.27 -16.41 13.88
CA ARG B 384 -21.22 -15.33 12.90
C ARG B 384 -20.38 -14.16 13.41
N THR B 385 -19.86 -13.37 12.49
CA THR B 385 -19.08 -12.19 12.83
C THR B 385 -19.44 -11.11 11.83
N ALA B 386 -19.21 -9.85 12.18
CA ALA B 386 -19.49 -8.77 11.26
C ALA B 386 -18.47 -8.94 10.12
N ALA B 387 -18.71 -8.33 8.98
CA ALA B 387 -17.77 -8.50 7.88
C ALA B 387 -17.72 -7.35 6.89
N VAL B 388 -16.60 -7.25 6.19
CA VAL B 388 -16.40 -6.24 5.15
C VAL B 388 -15.79 -7.06 4.04
N GLU B 389 -16.50 -7.18 2.92
CA GLU B 389 -16.03 -8.00 1.83
C GLU B 389 -16.28 -7.40 0.46
N GLY B 390 -15.52 -7.89 -0.51
CA GLY B 390 -15.63 -7.42 -1.88
C GLY B 390 -14.52 -8.02 -2.72
N PRO B 391 -14.44 -7.66 -4.01
CA PRO B 391 -15.33 -6.71 -4.68
C PRO B 391 -16.54 -7.39 -5.32
N PHE B 392 -17.46 -6.58 -5.80
CA PHE B 392 -18.67 -7.07 -6.46
C PHE B 392 -18.89 -6.19 -7.69
N VAL B 393 -19.18 -6.82 -8.83
CA VAL B 393 -19.43 -6.06 -10.04
C VAL B 393 -20.80 -5.43 -9.94
N THR B 394 -20.83 -4.11 -9.93
CA THR B 394 -22.08 -3.38 -9.84
C THR B 394 -22.08 -2.27 -10.88
N LEU B 395 -23.19 -2.13 -11.59
CA LEU B 395 -23.28 -1.13 -12.64
C LEU B 395 -24.12 0.08 -12.26
N ASP B 396 -23.91 1.17 -13.00
CA ASP B 396 -24.64 2.42 -12.79
C ASP B 396 -24.80 2.81 -11.33
N MET B 397 -23.71 2.71 -10.58
CA MET B 397 -23.75 3.06 -9.16
C MET B 397 -23.99 4.54 -8.92
N GLU B 398 -23.39 5.39 -9.75
CA GLU B 398 -23.56 6.82 -9.59
C GLU B 398 -25.03 7.23 -9.70
N ASP B 399 -25.83 6.40 -10.35
CA ASP B 399 -27.26 6.67 -10.50
C ASP B 399 -28.04 6.39 -9.22
N CYS B 400 -27.39 5.75 -8.26
CA CYS B 400 -28.03 5.45 -6.98
C CYS B 400 -28.09 6.70 -6.12
N GLY B 401 -27.31 7.70 -6.50
CA GLY B 401 -27.28 8.95 -5.76
C GLY B 401 -28.46 9.82 -6.13
N TYR B 402 -29.07 10.45 -5.12
CA TYR B 402 -30.22 11.31 -5.34
C TYR B 402 -29.79 12.72 -5.69
N ASN B 403 -30.59 13.38 -6.53
CA ASN B 403 -30.33 14.75 -6.95
C ASN B 403 -31.60 15.59 -6.85
N GLU C 1 11.45 -8.20 -5.95
CA GLU C 1 12.25 -8.20 -7.20
C GLU C 1 12.63 -6.78 -7.64
N VAL C 2 13.55 -6.68 -8.58
CA VAL C 2 13.99 -5.39 -9.07
C VAL C 2 13.80 -5.32 -10.58
N ASN C 3 13.31 -4.16 -11.04
CA ASN C 3 13.11 -3.93 -12.46
C ASN C 3 13.68 -2.55 -12.79
C1 1OL C 4 15.14 0.32 -10.18
C2 1OL C 4 17.06 -1.03 -9.29
C3 1OL C 4 16.00 -0.92 -10.38
C4 1OL C 4 16.66 -0.87 -11.76
N 1OL C 4 14.99 -2.42 -12.62
CA 1OL C 4 15.67 -1.17 -12.89
C6 1OL C 4 16.41 -1.29 -14.23
O1 1OL C 4 17.38 -2.05 -14.33
C7 1OL C 4 15.54 -1.53 -15.23
C8 1OL C 4 15.90 -0.87 -16.57
C9 1OL C 4 15.29 -1.67 -17.73
C 1OL C 4 15.35 0.54 -16.60
O 1OL C 4 14.28 0.81 -16.06
N ALA C 5 16.05 1.42 -17.33
CA ALA C 5 15.66 2.80 -17.46
C ALA C 5 14.64 2.93 -18.59
N GLU C 6 13.69 3.85 -18.42
CA GLU C 6 12.70 4.08 -19.46
C GLU C 6 13.31 5.12 -20.38
N PHE C 7 13.12 4.95 -21.69
CA PHE C 7 13.68 5.88 -22.65
C PHE C 7 12.57 6.46 -23.54
N GLU D 1 -31.07 7.63 23.57
CA GLU D 1 -30.85 7.74 22.10
C GLU D 1 -30.44 9.16 21.70
N VAL D 2 -29.46 9.25 20.82
CA VAL D 2 -28.99 10.55 20.33
C VAL D 2 -29.26 10.60 18.84
N ASN D 3 -29.69 11.77 18.37
CA ASN D 3 -29.98 12.00 16.97
C ASN D 3 -29.45 13.37 16.60
C1 1OL D 4 -27.95 16.42 18.95
C2 1OL D 4 -26.06 15.15 19.98
C3 1OL D 4 -27.12 15.16 18.89
C4 1OL D 4 -26.46 15.06 17.51
N 1OL D 4 -28.12 13.50 16.68
CA 1OL D 4 -27.43 14.74 16.37
C6 1OL D 4 -26.67 14.57 15.06
O1 1OL D 4 -25.70 13.80 15.00
C7 1OL D 4 -27.52 14.34 14.05
C8 1OL D 4 -27.15 15.03 12.73
C9 1OL D 4 -27.73 14.25 11.55
C 1OL D 4 -27.73 16.45 12.73
O 1OL D 4 -28.80 16.70 13.28
N ALA D 5 -27.05 17.34 12.00
CA ALA D 5 -27.45 18.73 11.88
C ALA D 5 -28.43 18.88 10.73
N GLU D 6 -29.42 19.76 10.91
CA GLU D 6 -30.39 20.01 9.84
C GLU D 6 -29.76 21.03 8.90
N PHE D 7 -29.92 20.83 7.59
CA PHE D 7 -29.37 21.76 6.63
C PHE D 7 -30.42 22.17 5.60
#